data_5KMF
#
_entry.id   5KMF
#
_cell.length_a   125.280
_cell.length_b   125.365
_cell.length_c   191.625
_cell.angle_alpha   90.00
_cell.angle_beta   90.00
_cell.angle_gamma   90.00
#
_symmetry.space_group_name_H-M   'P 21 2 21'
#
loop_
_entity.id
_entity.type
_entity.pdbx_description
1 polymer 'Ion transport protein'
2 non-polymer nimodipine
3 non-polymer 1,2-DIMYRISTOYL-RAC-GLYCERO-3-PHOSPHOCHOLINE
4 non-polymer 'CALCIUM ION'
5 water water
#
_entity_poly.entity_id   1
_entity_poly.type   'polypeptide(L)'
_entity_poly.pdbx_seq_one_letter_code
;MDYKDDDDKGSLVPRGSHMYLRITNIVESSFFTKFIIYLIVLNGITMGLETSKTFMQSFGVYTTLFNQIVITIFTIEIIL
RIYVHRISFFKDPWSLFDFFVVAISLVPTSSGFEILRVLRVLRLFRLVTAVPQMRKIVSALISVIPGMLSVIALMTLFFY
IFAIMATQLFGERFPEWFGTLGESFYTLFQVMTLDDWSNGIVRPLMEVYPYAYVFFIPFIFVVTFVMINLVVAIIVDAMA
ILNQKEEQHIIDEVQSHEDNINNEIIKLREEIVELKELIKTSLKN
;
_entity_poly.pdbx_strand_id   A,B,C,D
#
# COMPACT_ATOMS: atom_id res chain seq x y z
N MET A 19 -2.19 57.76 18.93
CA MET A 19 -3.32 57.21 19.72
C MET A 19 -4.58 57.28 18.88
N TYR A 20 -4.45 56.92 17.61
CA TYR A 20 -5.53 57.04 16.63
C TYR A 20 -6.27 55.71 16.46
N LEU A 21 -5.60 54.74 15.86
CA LEU A 21 -6.11 53.36 15.83
C LEU A 21 -6.44 52.84 17.23
N ARG A 22 -5.51 53.03 18.17
CA ARG A 22 -5.72 52.69 19.59
C ARG A 22 -5.83 51.19 19.84
N ILE A 23 -6.75 50.56 19.10
CA ILE A 23 -6.97 49.11 19.12
C ILE A 23 -5.86 48.29 18.45
N THR A 24 -5.38 48.76 17.30
CA THR A 24 -4.34 48.10 16.50
C THR A 24 -3.13 47.65 17.30
N ASN A 25 -2.78 48.39 18.33
CA ASN A 25 -1.63 48.04 19.15
C ASN A 25 -1.86 46.82 20.03
N ILE A 26 -3.12 46.57 20.41
CA ILE A 26 -3.50 45.40 21.24
C ILE A 26 -3.54 44.07 20.47
N VAL A 27 -4.21 44.07 19.31
CA VAL A 27 -4.36 42.90 18.41
C VAL A 27 -3.03 42.30 17.97
N GLU A 28 -2.05 43.16 17.68
CA GLU A 28 -0.76 42.70 17.18
C GLU A 28 0.15 42.18 18.29
N SER A 29 -0.29 42.31 19.54
CA SER A 29 0.55 41.99 20.70
C SER A 29 0.72 40.50 20.88
N SER A 30 1.83 40.11 21.49
CA SER A 30 2.03 38.72 21.89
C SER A 30 0.95 38.15 22.81
N PHE A 31 0.29 39.00 23.60
CA PHE A 31 -0.70 38.53 24.58
C PHE A 31 -2.05 38.15 23.94
N PHE A 32 -2.45 38.93 22.94
CA PHE A 32 -3.68 38.67 22.19
C PHE A 32 -3.65 37.28 21.57
N THR A 33 -2.60 37.02 20.81
CA THR A 33 -2.46 35.74 20.14
C THR A 33 -2.42 34.61 21.14
N LYS A 34 -1.56 34.73 22.14
CA LYS A 34 -1.39 33.71 23.15
C LYS A 34 -2.72 33.53 23.90
N PHE A 35 -3.51 34.59 23.97
CA PHE A 35 -4.82 34.50 24.60
C PHE A 35 -5.76 33.64 23.76
N ILE A 36 -5.71 33.79 22.43
CA ILE A 36 -6.59 33.00 21.56
C ILE A 36 -6.18 31.53 21.50
N ILE A 37 -4.89 31.27 21.37
CA ILE A 37 -4.36 29.92 21.37
C ILE A 37 -4.70 29.18 22.66
N TYR A 38 -4.55 29.87 23.79
CA TYR A 38 -4.91 29.29 25.09
C TYR A 38 -6.41 29.02 25.14
N LEU A 39 -7.21 29.86 24.49
CA LEU A 39 -8.66 29.66 24.42
C LEU A 39 -9.03 28.47 23.55
N ILE A 40 -8.49 28.43 22.34
CA ILE A 40 -8.75 27.33 21.44
C ILE A 40 -8.41 26.01 22.11
N VAL A 41 -7.21 25.90 22.69
CA VAL A 41 -6.79 24.66 23.29
C VAL A 41 -7.72 24.33 24.45
N LEU A 42 -8.34 25.33 25.08
CA LEU A 42 -9.29 25.03 26.16
C LEU A 42 -10.58 24.57 25.49
N ASN A 43 -11.03 25.34 24.52
CA ASN A 43 -12.21 24.95 23.76
C ASN A 43 -11.98 23.59 23.07
N GLY A 44 -10.74 23.33 22.70
CA GLY A 44 -10.40 22.07 22.07
C GLY A 44 -10.51 20.95 23.07
N ILE A 45 -10.01 21.20 24.28
CA ILE A 45 -10.19 20.26 25.38
C ILE A 45 -11.65 20.10 25.82
N THR A 46 -12.40 21.21 25.81
CA THR A 46 -13.81 21.19 26.21
C THR A 46 -14.69 20.26 25.29
N MET A 47 -14.53 20.39 23.98
CA MET A 47 -15.32 19.64 22.99
C MET A 47 -15.01 18.13 23.06
N GLY A 48 -13.79 17.80 23.45
CA GLY A 48 -13.42 16.42 23.75
C GLY A 48 -14.32 15.91 24.86
N LEU A 49 -14.31 16.57 26.02
CA LEU A 49 -15.12 16.18 27.20
C LEU A 49 -16.63 16.16 26.96
N GLU A 50 -17.07 16.90 25.95
CA GLU A 50 -18.48 16.99 25.53
C GLU A 50 -18.95 15.72 24.83
N THR A 51 -18.00 14.78 24.67
CA THR A 51 -18.21 13.51 24.02
C THR A 51 -18.56 12.47 25.06
N SER A 52 -18.08 12.71 26.27
CA SER A 52 -18.43 11.85 27.37
C SER A 52 -19.87 12.13 27.73
N LYS A 53 -20.71 11.12 27.55
CA LYS A 53 -22.12 11.26 27.82
C LYS A 53 -22.33 11.49 29.32
N THR A 54 -21.47 10.90 30.14
CA THR A 54 -21.53 11.08 31.58
C THR A 54 -21.24 12.52 31.94
N PHE A 55 -20.22 13.08 31.28
CA PHE A 55 -19.84 14.46 31.54
C PHE A 55 -21.00 15.42 31.27
N MET A 56 -21.65 15.27 30.12
CA MET A 56 -22.80 16.13 29.76
C MET A 56 -24.00 16.07 30.72
N GLN A 57 -24.04 15.07 31.59
CA GLN A 57 -25.01 15.07 32.68
C GLN A 57 -24.44 15.94 33.79
N SER A 58 -23.41 15.43 34.46
CA SER A 58 -22.76 16.11 35.59
C SER A 58 -22.41 17.59 35.36
N PHE A 59 -21.88 17.92 34.19
CA PHE A 59 -21.39 19.27 33.91
C PHE A 59 -21.86 19.86 32.58
N GLY A 60 -22.93 19.32 32.00
CA GLY A 60 -23.37 19.78 30.68
C GLY A 60 -23.68 21.26 30.60
N VAL A 61 -24.26 21.81 31.67
CA VAL A 61 -24.64 23.24 31.68
C VAL A 61 -23.41 24.15 31.80
N TYR A 62 -22.47 23.73 32.65
CA TYR A 62 -21.19 24.40 32.87
C TYR A 62 -20.40 24.56 31.57
N THR A 63 -20.48 23.54 30.73
CA THR A 63 -19.64 23.45 29.53
C THR A 63 -20.25 24.25 28.39
N THR A 64 -21.56 24.49 28.47
CA THR A 64 -22.24 25.27 27.45
C THR A 64 -21.90 26.76 27.61
N LEU A 65 -21.77 27.20 28.85
CA LEU A 65 -21.38 28.58 29.14
C LEU A 65 -19.97 28.94 28.65
N PHE A 66 -19.03 28.02 28.82
CA PHE A 66 -17.66 28.21 28.37
C PHE A 66 -17.58 28.31 26.84
N ASN A 67 -18.29 27.43 26.15
CA ASN A 67 -18.34 27.45 24.68
C ASN A 67 -18.91 28.76 24.13
N GLN A 68 -19.89 29.32 24.82
CA GLN A 68 -20.56 30.53 24.36
C GLN A 68 -19.74 31.78 24.62
N ILE A 69 -19.00 31.77 25.72
CA ILE A 69 -18.08 32.87 26.02
C ILE A 69 -17.01 32.92 24.92
N VAL A 70 -16.26 31.84 24.79
CA VAL A 70 -15.26 31.69 23.75
C VAL A 70 -15.81 32.09 22.37
N ILE A 71 -17.05 31.71 22.06
CA ILE A 71 -17.58 32.01 20.72
C ILE A 71 -17.78 33.51 20.58
N THR A 72 -18.01 34.17 21.71
CA THR A 72 -18.21 35.60 21.69
C THR A 72 -16.86 36.29 21.56
N ILE A 73 -15.97 35.97 22.49
CA ILE A 73 -14.59 36.43 22.46
C ILE A 73 -13.98 36.31 21.06
N PHE A 74 -14.15 35.13 20.45
CA PHE A 74 -13.63 34.89 19.11
C PHE A 74 -14.31 35.81 18.10
N THR A 75 -15.60 36.11 18.32
CA THR A 75 -16.33 36.96 17.36
C THR A 75 -15.76 38.35 17.50
N ILE A 76 -15.54 38.77 18.75
CA ILE A 76 -14.89 40.03 19.02
C ILE A 76 -13.51 40.06 18.38
N GLU A 77 -12.73 39.03 18.63
CA GLU A 77 -11.36 38.94 18.12
C GLU A 77 -11.33 39.07 16.60
N ILE A 78 -12.38 38.60 15.95
CA ILE A 78 -12.46 38.66 14.50
C ILE A 78 -12.77 40.09 14.04
N ILE A 79 -13.61 40.78 14.80
CA ILE A 79 -14.00 42.14 14.45
C ILE A 79 -12.79 43.08 14.53
N LEU A 80 -12.06 43.01 15.65
CA LEU A 80 -10.80 43.74 15.85
C LEU A 80 -9.81 43.54 14.69
N ARG A 81 -9.56 42.28 14.34
CA ARG A 81 -8.62 41.94 13.26
C ARG A 81 -9.08 42.50 11.91
N ILE A 82 -10.39 42.66 11.72
CA ILE A 82 -10.99 43.28 10.52
C ILE A 82 -10.78 44.80 10.54
N TYR A 83 -10.95 45.41 11.72
CA TYR A 83 -10.69 46.83 11.89
C TYR A 83 -9.25 47.18 11.48
N VAL A 84 -8.30 46.45 12.06
CA VAL A 84 -6.89 46.60 11.76
C VAL A 84 -6.51 46.32 10.30
N HIS A 85 -6.88 45.16 9.79
CA HIS A 85 -6.37 44.73 8.48
C HIS A 85 -7.20 45.19 7.29
N ARG A 86 -8.45 45.57 7.54
CA ARG A 86 -9.37 45.99 6.47
C ARG A 86 -9.37 44.97 5.33
N ILE A 87 -9.25 45.44 4.07
CA ILE A 87 -9.37 44.57 2.92
C ILE A 87 -8.26 43.50 2.88
N SER A 88 -7.14 43.75 3.58
CA SER A 88 -6.01 42.81 3.60
C SER A 88 -6.33 41.56 4.44
N PHE A 89 -7.41 41.64 5.23
CA PHE A 89 -7.92 40.53 6.02
C PHE A 89 -8.56 39.48 5.11
N PHE A 90 -9.23 39.99 4.09
CA PHE A 90 -10.02 39.20 3.14
C PHE A 90 -9.22 38.80 1.89
N LYS A 91 -7.90 38.86 1.99
CA LYS A 91 -7.04 38.24 0.98
C LYS A 91 -6.07 37.40 1.75
N ASP A 92 -6.36 37.22 3.03
CA ASP A 92 -5.64 36.26 3.85
C ASP A 92 -6.47 34.97 3.93
N PRO A 93 -5.96 33.86 3.37
CA PRO A 93 -6.77 32.64 3.39
C PRO A 93 -7.02 32.23 4.83
N TRP A 94 -5.98 32.36 5.63
CA TRP A 94 -6.01 32.00 7.02
C TRP A 94 -7.07 32.76 7.79
N SER A 95 -7.27 34.01 7.43
CA SER A 95 -8.24 34.86 8.12
C SER A 95 -9.62 34.62 7.56
N LEU A 96 -9.68 34.47 6.24
CA LEU A 96 -10.90 34.12 5.55
C LEU A 96 -11.45 32.85 6.17
N PHE A 97 -10.55 31.88 6.38
CA PHE A 97 -10.89 30.65 7.04
C PHE A 97 -11.40 30.92 8.44
N ASP A 98 -10.74 31.83 9.15
CA ASP A 98 -11.15 32.16 10.51
C ASP A 98 -12.53 32.81 10.58
N PHE A 99 -12.88 33.60 9.58
CA PHE A 99 -14.18 34.25 9.61
C PHE A 99 -15.32 33.26 9.42
N PHE A 100 -15.22 32.47 8.35
CA PHE A 100 -16.24 31.47 7.97
C PHE A 100 -16.37 30.33 8.96
N VAL A 101 -15.30 30.04 9.70
CA VAL A 101 -15.30 28.96 10.69
C VAL A 101 -15.88 29.44 12.01
N VAL A 102 -15.80 30.73 12.21
CA VAL A 102 -16.37 31.30 13.42
C VAL A 102 -17.83 31.54 13.13
N ALA A 103 -18.10 31.96 11.90
CA ALA A 103 -19.45 32.22 11.41
C ALA A 103 -20.32 31.00 11.51
N ILE A 104 -19.78 29.88 11.01
CA ILE A 104 -20.44 28.56 11.09
C ILE A 104 -20.98 28.26 12.48
N SER A 105 -20.13 28.45 13.49
CA SER A 105 -20.50 28.08 14.85
C SER A 105 -21.55 29.02 15.46
N LEU A 106 -22.10 29.92 14.64
CA LEU A 106 -23.02 30.93 15.16
C LEU A 106 -24.49 30.85 14.68
N VAL A 107 -24.78 30.18 13.57
CA VAL A 107 -26.19 30.03 13.15
C VAL A 107 -26.99 29.25 14.18
N PRO A 108 -28.23 29.70 14.46
CA PRO A 108 -29.20 29.07 15.38
C PRO A 108 -29.43 27.55 15.23
N THR A 109 -29.37 26.80 16.32
CA THR A 109 -29.57 25.35 16.25
C THR A 109 -31.01 25.09 15.79
N SER A 110 -31.87 26.06 16.13
CA SER A 110 -33.31 26.18 15.76
C SER A 110 -33.84 26.14 14.31
N SER A 111 -34.56 25.06 13.98
CA SER A 111 -35.18 24.84 12.64
C SER A 111 -34.22 24.69 11.46
N GLY A 112 -32.92 24.81 11.71
CA GLY A 112 -31.96 24.62 10.65
C GLY A 112 -31.71 23.17 10.29
N PHE A 113 -30.46 22.90 9.92
CA PHE A 113 -30.00 21.55 9.67
C PHE A 113 -29.13 21.25 10.89
N GLU A 114 -29.31 20.11 11.54
CA GLU A 114 -28.55 19.84 12.75
C GLU A 114 -27.13 19.35 12.45
N ILE A 115 -26.73 19.43 11.18
CA ILE A 115 -25.36 19.09 10.76
C ILE A 115 -24.36 20.18 11.18
N LEU A 116 -24.85 21.40 11.15
CA LEU A 116 -24.13 22.61 11.54
C LEU A 116 -23.70 22.61 12.99
N ARG A 117 -24.36 21.82 13.84
CA ARG A 117 -23.95 21.70 15.23
C ARG A 117 -22.61 20.97 15.34
N VAL A 118 -22.35 20.08 14.38
CA VAL A 118 -21.14 19.24 14.33
C VAL A 118 -20.00 20.03 13.64
N LEU A 119 -20.39 20.84 12.66
CA LEU A 119 -19.46 21.64 11.89
C LEU A 119 -18.65 22.59 12.75
N ARG A 120 -19.19 22.98 13.88
CA ARG A 120 -18.56 23.97 14.76
C ARG A 120 -17.29 23.43 15.40
N VAL A 121 -17.01 22.14 15.20
CA VAL A 121 -15.74 21.59 15.64
C VAL A 121 -14.64 22.04 14.68
N LEU A 122 -15.03 22.50 13.50
CA LEU A 122 -14.04 23.02 12.59
C LEU A 122 -13.20 24.17 13.14
N ARG A 123 -13.72 24.89 14.12
CA ARG A 123 -12.97 25.99 14.70
C ARG A 123 -11.72 25.49 15.43
N LEU A 124 -11.64 24.20 15.71
CA LEU A 124 -10.43 23.68 16.33
C LEU A 124 -9.28 23.69 15.35
N PHE A 125 -9.58 23.87 14.07
CA PHE A 125 -8.53 24.01 13.09
C PHE A 125 -7.91 25.41 13.15
N ARG A 126 -8.45 26.28 14.00
CA ARG A 126 -7.87 27.60 14.22
C ARG A 126 -6.49 27.52 14.92
N LEU A 127 -6.28 26.42 15.64
CA LEU A 127 -4.98 26.12 16.28
C LEU A 127 -3.88 26.08 15.24
N VAL A 128 -4.22 25.50 14.09
CA VAL A 128 -3.37 25.47 12.91
C VAL A 128 -3.14 26.89 12.39
N THR A 129 -4.20 27.70 12.37
CA THR A 129 -4.21 29.03 11.76
C THR A 129 -3.35 30.03 12.55
N ALA A 130 -3.18 29.77 13.85
CA ALA A 130 -2.60 30.75 14.76
C ALA A 130 -1.21 30.37 15.25
N VAL A 131 -0.72 29.22 14.82
CA VAL A 131 0.62 28.79 15.16
C VAL A 131 1.39 28.62 13.87
N PRO A 132 2.33 29.54 13.59
CA PRO A 132 3.02 29.57 12.28
C PRO A 132 3.66 28.26 11.87
N GLN A 133 4.07 27.45 12.84
CA GLN A 133 4.66 26.17 12.49
C GLN A 133 3.63 25.31 11.76
N MET A 134 2.40 25.27 12.28
CA MET A 134 1.31 24.53 11.65
C MET A 134 0.95 25.16 10.31
N ARG A 135 0.78 26.48 10.34
CA ARG A 135 0.63 27.33 9.17
C ARG A 135 1.60 26.96 8.02
N LYS A 136 2.85 26.68 8.37
CA LYS A 136 3.90 26.45 7.36
C LYS A 136 3.79 25.05 6.78
N ILE A 137 3.45 24.10 7.66
CA ILE A 137 3.04 22.73 7.28
C ILE A 137 1.87 22.79 6.29
N VAL A 138 0.80 23.45 6.69
CA VAL A 138 -0.35 23.52 5.82
C VAL A 138 0.03 24.24 4.51
N SER A 139 0.92 25.20 4.60
CA SER A 139 1.41 25.93 3.43
C SER A 139 2.30 25.03 2.55
N ALA A 140 3.23 24.31 3.18
CA ALA A 140 4.05 23.33 2.48
C ALA A 140 3.21 22.30 1.72
N LEU A 141 2.19 21.73 2.37
CA LEU A 141 1.31 20.69 1.76
C LEU A 141 0.52 21.18 0.57
N ILE A 142 -0.12 22.34 0.72
CA ILE A 142 -0.92 22.91 -0.35
C ILE A 142 -0.03 23.10 -1.57
N SER A 143 1.24 23.34 -1.32
CA SER A 143 2.18 23.78 -2.36
C SER A 143 2.57 22.64 -3.32
N VAL A 144 2.32 21.41 -2.89
CA VAL A 144 2.53 20.29 -3.77
C VAL A 144 1.33 20.13 -4.72
N ILE A 145 0.21 20.79 -4.39
CA ILE A 145 -1.04 20.60 -5.14
C ILE A 145 -1.07 21.20 -6.56
N PRO A 146 -0.60 22.46 -6.71
CA PRO A 146 -0.64 23.05 -8.06
C PRO A 146 0.18 22.28 -9.13
N GLY A 147 1.36 21.78 -8.79
CA GLY A 147 2.15 20.96 -9.71
C GLY A 147 1.45 19.66 -10.09
N MET A 148 0.53 19.23 -9.24
CA MET A 148 -0.20 17.96 -9.39
C MET A 148 -1.51 18.09 -10.18
N LEU A 149 -2.09 19.29 -10.16
CA LEU A 149 -3.42 19.57 -10.73
C LEU A 149 -3.65 19.01 -12.12
N SER A 150 -2.58 18.94 -12.90
CA SER A 150 -2.66 18.38 -14.25
C SER A 150 -3.04 16.90 -14.17
N VAL A 151 -2.27 16.14 -13.39
CA VAL A 151 -2.46 14.71 -13.27
C VAL A 151 -3.79 14.41 -12.62
N ILE A 152 -4.17 15.23 -11.65
CA ILE A 152 -5.49 15.16 -11.04
C ILE A 152 -6.57 15.32 -12.11
N ALA A 153 -6.30 16.17 -13.09
CA ALA A 153 -7.26 16.37 -14.15
C ALA A 153 -7.34 15.18 -15.11
N LEU A 154 -6.20 14.61 -15.49
CA LEU A 154 -6.20 13.40 -16.31
C LEU A 154 -6.95 12.27 -15.65
N MET A 155 -6.62 12.06 -14.39
CA MET A 155 -7.17 10.97 -13.59
C MET A 155 -8.66 11.15 -13.42
N THR A 156 -9.06 12.35 -13.07
CA THR A 156 -10.47 12.61 -12.92
C THR A 156 -11.14 12.37 -14.23
N LEU A 157 -10.45 12.75 -15.28
CA LEU A 157 -10.99 12.46 -16.56
C LEU A 157 -11.06 10.95 -16.75
N PHE A 158 -10.06 10.21 -16.29
CA PHE A 158 -9.98 8.72 -16.44
C PHE A 158 -11.12 7.97 -15.71
N PHE A 159 -11.35 8.38 -14.47
CA PHE A 159 -12.43 7.86 -13.64
C PHE A 159 -13.77 8.16 -14.24
N TYR A 160 -13.96 9.40 -14.63
CA TYR A 160 -15.22 9.82 -15.18
C TYR A 160 -15.54 8.95 -16.37
N ILE A 161 -14.56 8.70 -17.22
CA ILE A 161 -14.84 7.90 -18.42
C ILE A 161 -15.18 6.45 -18.09
N PHE A 162 -14.43 5.85 -17.18
CA PHE A 162 -14.65 4.44 -16.77
C PHE A 162 -15.87 4.23 -15.92
N ALA A 163 -16.18 5.22 -15.09
CA ALA A 163 -17.38 5.19 -14.29
C ALA A 163 -18.54 5.09 -15.27
N ILE A 164 -18.48 5.85 -16.37
CA ILE A 164 -19.53 5.76 -17.36
C ILE A 164 -19.57 4.31 -17.83
N MET A 165 -18.42 3.76 -18.22
CA MET A 165 -18.32 2.39 -18.74
C MET A 165 -18.86 1.37 -17.73
N ALA A 166 -18.56 1.62 -16.46
CA ALA A 166 -18.94 0.67 -15.45
C ALA A 166 -20.45 0.72 -15.24
N THR A 167 -21.03 1.90 -15.21
CA THR A 167 -22.48 1.97 -15.14
C THR A 167 -23.16 1.25 -16.26
N GLN A 168 -22.66 1.37 -17.46
CA GLN A 168 -23.40 0.76 -18.55
C GLN A 168 -23.25 -0.74 -18.58
N LEU A 169 -22.09 -1.21 -18.13
CA LEU A 169 -21.73 -2.63 -18.24
C LEU A 169 -22.27 -3.43 -17.07
N PHE A 170 -22.35 -2.87 -15.87
CA PHE A 170 -22.64 -3.71 -14.71
C PHE A 170 -23.76 -3.19 -13.83
N GLY A 171 -24.30 -2.06 -14.16
CA GLY A 171 -25.36 -1.47 -13.38
C GLY A 171 -26.70 -2.16 -13.41
N GLU A 172 -27.01 -2.98 -14.42
CA GLU A 172 -28.32 -3.68 -14.39
C GLU A 172 -28.39 -4.69 -13.25
N ARG A 173 -27.43 -5.62 -13.27
CA ARG A 173 -27.35 -6.70 -12.31
C ARG A 173 -26.59 -6.35 -11.06
N PHE A 174 -25.97 -5.21 -11.03
CA PHE A 174 -25.26 -4.90 -9.82
C PHE A 174 -25.44 -3.45 -9.42
N PRO A 175 -26.71 -2.99 -9.26
CA PRO A 175 -27.00 -1.58 -8.94
C PRO A 175 -26.37 -1.01 -7.65
N GLU A 176 -26.19 -1.84 -6.62
CA GLU A 176 -25.66 -1.35 -5.36
C GLU A 176 -24.31 -0.72 -5.59
N TRP A 177 -23.55 -1.38 -6.42
CA TRP A 177 -22.21 -0.95 -6.76
C TRP A 177 -22.01 -0.03 -7.99
N PHE A 178 -22.84 -0.15 -9.00
CA PHE A 178 -22.59 0.55 -10.23
C PHE A 178 -23.85 1.05 -10.85
N GLY A 179 -24.94 1.05 -10.13
CA GLY A 179 -26.18 1.37 -10.83
C GLY A 179 -26.23 2.81 -11.30
N THR A 180 -25.61 3.69 -10.54
CA THR A 180 -25.60 5.12 -10.74
C THR A 180 -24.16 5.59 -10.94
N LEU A 181 -23.98 6.69 -11.64
CA LEU A 181 -22.64 7.15 -11.95
C LEU A 181 -21.83 7.41 -10.69
N GLY A 182 -22.45 8.05 -9.69
CA GLY A 182 -21.77 8.29 -8.44
C GLY A 182 -21.39 6.97 -7.82
N GLU A 183 -22.30 6.03 -7.97
CA GLU A 183 -22.09 4.69 -7.45
C GLU A 183 -20.90 4.06 -8.17
N SER A 184 -20.85 4.20 -9.48
CA SER A 184 -19.70 3.67 -10.20
C SER A 184 -18.45 4.37 -9.76
N PHE A 185 -18.55 5.67 -9.43
CA PHE A 185 -17.40 6.45 -8.93
C PHE A 185 -16.84 5.89 -7.60
N TYR A 186 -17.74 5.82 -6.58
CA TYR A 186 -17.42 5.32 -5.20
C TYR A 186 -16.84 3.94 -5.23
N THR A 187 -17.50 3.10 -5.99
CA THR A 187 -17.00 1.78 -6.14
C THR A 187 -15.58 1.79 -6.81
N LEU A 188 -15.46 2.46 -7.94
CA LEU A 188 -14.23 2.57 -8.73
C LEU A 188 -13.08 3.17 -7.90
N PHE A 189 -13.44 4.16 -7.08
CA PHE A 189 -12.49 4.73 -6.15
C PHE A 189 -11.95 3.67 -5.22
N GLN A 190 -12.85 2.86 -4.64
CA GLN A 190 -12.51 1.74 -3.77
C GLN A 190 -11.55 0.74 -4.38
N VAL A 191 -11.82 0.39 -5.64
CA VAL A 191 -10.97 -0.62 -6.29
C VAL A 191 -9.57 0.00 -6.38
N MET A 192 -9.54 1.32 -6.66
CA MET A 192 -8.27 2.13 -6.74
C MET A 192 -7.50 2.05 -5.43
N THR A 193 -8.18 2.27 -4.31
CA THR A 193 -7.53 2.12 -3.01
C THR A 193 -7.20 0.63 -2.76
N LEU A 194 -7.57 -0.20 -3.75
CA LEU A 194 -7.37 -1.63 -3.77
C LEU A 194 -8.13 -2.30 -2.64
N ASP A 195 -9.21 -1.70 -2.10
CA ASP A 195 -9.76 -2.25 -0.84
C ASP A 195 -10.78 -3.32 -1.00
N ASP A 196 -10.29 -4.52 -0.75
CA ASP A 196 -11.15 -5.67 -0.83
C ASP A 196 -11.76 -5.75 -2.24
N TRP A 197 -10.96 -5.75 -3.27
CA TRP A 197 -11.48 -5.63 -4.65
C TRP A 197 -11.71 -7.03 -5.39
N SER A 198 -10.91 -8.05 -5.13
CA SER A 198 -11.13 -9.29 -5.86
C SER A 198 -12.26 -10.11 -5.21
N ASN A 199 -12.05 -10.49 -3.97
CA ASN A 199 -13.11 -11.24 -3.34
C ASN A 199 -14.23 -10.23 -3.07
N GLY A 200 -13.91 -8.97 -2.98
CA GLY A 200 -15.01 -8.12 -2.65
C GLY A 200 -15.76 -7.54 -3.84
N ILE A 201 -15.15 -7.41 -5.00
CA ILE A 201 -15.92 -6.79 -6.07
C ILE A 201 -15.88 -7.58 -7.35
N VAL A 202 -14.69 -8.02 -7.74
CA VAL A 202 -14.61 -8.51 -9.11
C VAL A 202 -15.06 -9.99 -9.15
N ARG A 203 -14.74 -10.79 -8.14
CA ARG A 203 -15.14 -12.19 -8.18
C ARG A 203 -16.69 -12.33 -8.30
N PRO A 204 -17.47 -11.55 -7.51
CA PRO A 204 -18.90 -11.48 -7.79
C PRO A 204 -19.32 -11.13 -9.20
N LEU A 205 -18.86 -10.01 -9.71
CA LEU A 205 -19.11 -9.55 -11.10
C LEU A 205 -18.84 -10.61 -12.15
N MET A 206 -17.74 -11.29 -11.95
CA MET A 206 -17.20 -12.30 -12.84
C MET A 206 -18.08 -13.54 -12.93
N GLU A 207 -18.98 -13.72 -11.93
CA GLU A 207 -19.95 -14.86 -11.99
C GLU A 207 -21.04 -14.72 -13.04
N VAL A 208 -21.45 -13.47 -13.33
CA VAL A 208 -22.36 -13.14 -14.40
C VAL A 208 -21.65 -12.83 -15.69
N TYR A 209 -20.54 -12.09 -15.56
CA TYR A 209 -19.79 -11.55 -16.66
C TYR A 209 -18.37 -12.05 -16.55
N PRO A 210 -18.09 -13.22 -17.12
CA PRO A 210 -16.78 -13.86 -16.99
C PRO A 210 -15.54 -13.05 -17.43
N TYR A 211 -15.71 -12.07 -18.30
CA TYR A 211 -14.54 -11.35 -18.74
C TYR A 211 -14.25 -10.06 -18.02
N ALA A 212 -14.90 -9.82 -16.90
CA ALA A 212 -14.78 -8.53 -16.22
C ALA A 212 -13.37 -8.21 -15.77
N TYR A 213 -12.46 -9.19 -15.79
CA TYR A 213 -11.08 -8.90 -15.42
C TYR A 213 -10.33 -8.04 -16.49
N VAL A 214 -10.81 -8.08 -17.74
CA VAL A 214 -10.20 -7.28 -18.80
C VAL A 214 -10.51 -5.80 -18.56
N PHE A 215 -11.55 -5.52 -17.76
CA PHE A 215 -11.88 -4.12 -17.42
C PHE A 215 -11.14 -3.74 -16.16
N PHE A 216 -11.28 -4.55 -15.14
CA PHE A 216 -10.79 -4.12 -13.87
C PHE A 216 -9.29 -4.33 -13.73
N ILE A 217 -8.73 -5.35 -14.33
CA ILE A 217 -7.32 -5.49 -14.10
C ILE A 217 -6.45 -4.41 -14.76
N PRO A 218 -6.72 -4.11 -16.05
CA PRO A 218 -6.05 -2.97 -16.63
C PRO A 218 -6.25 -1.65 -15.89
N PHE A 219 -7.49 -1.37 -15.49
CA PHE A 219 -7.77 -0.19 -14.70
C PHE A 219 -6.85 -0.07 -13.50
N ILE A 220 -6.54 -1.18 -12.86
CA ILE A 220 -5.74 -1.11 -11.64
C ILE A 220 -4.30 -0.78 -12.01
N PHE A 221 -3.82 -1.39 -13.09
CA PHE A 221 -2.47 -1.10 -13.56
C PHE A 221 -2.38 0.37 -13.78
N VAL A 222 -3.31 0.90 -14.55
CA VAL A 222 -3.25 2.29 -14.94
C VAL A 222 -3.26 3.21 -13.77
N VAL A 223 -4.25 3.08 -12.95
CA VAL A 223 -4.34 3.94 -11.81
C VAL A 223 -3.11 3.85 -10.85
N THR A 224 -2.59 2.66 -10.63
CA THR A 224 -1.41 2.50 -9.76
C THR A 224 -0.17 3.08 -10.47
N PHE A 225 0.04 2.78 -11.75
CA PHE A 225 1.21 3.30 -12.51
C PHE A 225 1.29 4.80 -12.38
N VAL A 226 0.18 5.49 -12.60
CA VAL A 226 0.14 6.94 -12.55
C VAL A 226 0.52 7.45 -11.18
N MET A 227 -0.13 6.93 -10.17
CA MET A 227 0.16 7.29 -8.78
C MET A 227 1.62 7.06 -8.47
N ILE A 228 2.20 5.99 -8.97
CA ILE A 228 3.56 5.77 -8.61
C ILE A 228 4.45 6.79 -9.30
N ASN A 229 4.19 7.06 -10.57
CA ASN A 229 5.02 8.00 -11.33
C ASN A 229 4.82 9.41 -10.84
N LEU A 230 3.61 9.71 -10.39
CA LEU A 230 3.32 11.01 -9.79
C LEU A 230 4.23 11.31 -8.59
N VAL A 231 4.32 10.37 -7.65
CA VAL A 231 5.22 10.52 -6.49
C VAL A 231 6.67 10.68 -6.98
N VAL A 232 7.10 9.80 -7.90
CA VAL A 232 8.44 9.87 -8.47
C VAL A 232 8.77 11.23 -9.13
N ALA A 233 7.87 11.69 -9.97
CA ALA A 233 8.01 12.95 -10.68
C ALA A 233 8.12 14.15 -9.71
N ILE A 234 7.42 14.11 -8.58
CA ILE A 234 7.49 15.22 -7.61
C ILE A 234 8.86 15.35 -6.97
N ILE A 235 9.38 14.23 -6.49
CA ILE A 235 10.66 14.20 -5.78
C ILE A 235 11.86 14.58 -6.65
N VAL A 236 11.95 13.98 -7.84
CA VAL A 236 13.07 14.20 -8.74
C VAL A 236 13.12 15.65 -9.18
N ASP A 237 11.97 16.19 -9.58
CA ASP A 237 11.84 17.57 -10.08
C ASP A 237 11.99 18.63 -8.96
N MET B 19 -8.00 20.92 -54.73
CA MET B 19 -8.75 21.27 -53.52
C MET B 19 -7.90 21.07 -52.27
N TYR B 20 -7.01 20.05 -52.28
CA TYR B 20 -6.18 19.73 -51.12
C TYR B 20 -5.41 20.92 -50.51
N LEU B 21 -4.42 21.48 -51.21
CA LEU B 21 -3.58 22.55 -50.62
C LEU B 21 -4.45 23.67 -49.99
N ARG B 22 -5.64 23.88 -50.57
CA ARG B 22 -6.58 24.93 -50.15
C ARG B 22 -7.17 24.57 -48.78
N ILE B 23 -7.59 23.31 -48.67
CA ILE B 23 -8.09 22.64 -47.44
C ILE B 23 -7.06 22.62 -46.29
N THR B 24 -5.80 22.31 -46.60
CA THR B 24 -4.71 22.27 -45.62
C THR B 24 -4.63 23.57 -44.81
N ASN B 25 -4.94 24.69 -45.43
CA ASN B 25 -4.87 26.00 -44.75
C ASN B 25 -5.94 26.15 -43.67
N ILE B 26 -6.99 25.34 -43.81
CA ILE B 26 -8.15 25.30 -42.90
C ILE B 26 -7.96 24.52 -41.58
N VAL B 27 -7.46 23.29 -41.68
CA VAL B 27 -7.32 22.38 -40.55
C VAL B 27 -6.23 22.71 -39.52
N GLU B 28 -5.29 23.58 -39.85
CA GLU B 28 -4.22 23.91 -38.90
C GLU B 28 -4.53 25.12 -38.01
N SER B 29 -5.67 25.77 -38.24
CA SER B 29 -6.00 26.98 -37.51
C SER B 29 -6.42 26.70 -36.08
N SER B 30 -6.17 27.68 -35.23
CA SER B 30 -6.59 27.64 -33.82
C SER B 30 -8.10 27.54 -33.62
N PHE B 31 -8.88 27.99 -34.60
CA PHE B 31 -10.33 27.89 -34.48
C PHE B 31 -10.71 26.42 -34.54
N PHE B 32 -9.99 25.68 -35.39
CA PHE B 32 -10.25 24.27 -35.65
C PHE B 32 -10.08 23.36 -34.44
N THR B 33 -8.87 23.34 -33.88
CA THR B 33 -8.58 22.51 -32.73
C THR B 33 -9.61 22.72 -31.61
N LYS B 34 -9.81 23.97 -31.19
CA LYS B 34 -10.72 24.29 -30.08
C LYS B 34 -12.14 23.79 -30.38
N PHE B 35 -12.49 23.84 -31.67
CA PHE B 35 -13.81 23.42 -32.12
C PHE B 35 -13.97 21.92 -31.88
N ILE B 36 -13.02 21.09 -32.31
CA ILE B 36 -13.15 19.62 -32.13
C ILE B 36 -13.00 19.29 -30.66
N ILE B 37 -12.27 20.12 -29.94
CA ILE B 37 -12.17 20.00 -28.49
C ILE B 37 -13.52 20.27 -27.82
N TYR B 38 -14.20 21.26 -28.33
CA TYR B 38 -15.53 21.63 -27.84
C TYR B 38 -16.55 20.53 -28.10
N LEU B 39 -16.35 19.77 -29.17
CA LEU B 39 -17.26 18.67 -29.47
C LEU B 39 -17.02 17.49 -28.53
N ILE B 40 -15.76 17.29 -28.19
CA ILE B 40 -15.39 16.30 -27.21
C ILE B 40 -15.98 16.60 -25.86
N VAL B 41 -15.77 17.81 -25.37
CA VAL B 41 -16.31 18.18 -24.07
C VAL B 41 -17.85 18.11 -24.05
N LEU B 42 -18.49 18.56 -25.10
CA LEU B 42 -19.96 18.49 -25.15
C LEU B 42 -20.44 17.03 -25.11
N ASN B 43 -19.88 16.21 -26.01
CA ASN B 43 -20.19 14.78 -26.07
C ASN B 43 -19.83 14.09 -24.76
N GLY B 44 -18.73 14.53 -24.16
CA GLY B 44 -18.30 14.03 -22.89
C GLY B 44 -19.31 14.33 -21.82
N ILE B 45 -19.92 15.50 -21.91
CA ILE B 45 -20.99 15.82 -20.98
C ILE B 45 -22.22 15.01 -21.26
N THR B 46 -22.62 14.95 -22.53
CA THR B 46 -23.84 14.24 -22.90
C THR B 46 -23.75 12.75 -22.59
N MET B 47 -22.56 12.19 -22.71
CA MET B 47 -22.34 10.77 -22.46
C MET B 47 -22.50 10.41 -20.99
N GLY B 48 -22.12 11.34 -20.12
CA GLY B 48 -22.42 11.26 -18.72
C GLY B 48 -23.91 11.21 -18.57
N LEU B 49 -24.63 12.07 -19.29
CA LEU B 49 -26.10 12.13 -19.21
C LEU B 49 -26.76 10.84 -19.65
N GLU B 50 -26.11 10.12 -20.57
CA GLU B 50 -26.66 8.87 -21.10
C GLU B 50 -26.60 7.73 -20.08
N THR B 51 -26.02 8.04 -18.94
CA THR B 51 -25.84 7.09 -17.87
C THR B 51 -27.10 7.03 -16.99
N SER B 52 -27.85 8.13 -16.98
CA SER B 52 -29.13 8.27 -16.30
C SER B 52 -30.32 7.69 -17.06
N LYS B 53 -31.06 6.82 -16.40
CA LYS B 53 -32.28 6.24 -16.97
C LYS B 53 -33.35 7.32 -17.17
N THR B 54 -33.54 8.14 -16.16
CA THR B 54 -34.47 9.25 -16.23
C THR B 54 -34.23 10.11 -17.46
N PHE B 55 -33.05 10.73 -17.54
CA PHE B 55 -32.71 11.57 -18.67
C PHE B 55 -32.98 10.91 -20.02
N MET B 56 -32.49 9.68 -20.18
CA MET B 56 -32.61 8.96 -21.46
C MET B 56 -34.07 8.76 -21.86
N GLN B 57 -34.93 8.68 -20.86
CA GLN B 57 -36.34 8.44 -21.09
C GLN B 57 -37.01 9.64 -21.78
N SER B 58 -36.80 10.81 -21.21
CA SER B 58 -37.44 12.04 -21.69
C SER B 58 -36.54 13.00 -22.48
N PHE B 59 -35.37 12.52 -22.92
CA PHE B 59 -34.45 13.34 -23.73
C PHE B 59 -33.55 12.51 -24.66
N GLY B 60 -33.82 11.21 -24.75
CA GLY B 60 -32.92 10.29 -25.45
C GLY B 60 -32.72 10.52 -26.93
N VAL B 61 -33.77 10.89 -27.65
CA VAL B 61 -33.63 11.04 -29.10
C VAL B 61 -32.85 12.30 -29.51
N TYR B 62 -32.91 13.35 -28.70
CA TYR B 62 -32.15 14.59 -28.96
C TYR B 62 -30.65 14.33 -28.95
N THR B 63 -30.24 13.42 -28.08
CA THR B 63 -28.82 13.17 -27.84
C THR B 63 -28.37 11.90 -28.56
N THR B 64 -29.31 11.05 -28.93
CA THR B 64 -28.98 9.90 -29.76
C THR B 64 -28.67 10.44 -31.15
N LEU B 65 -29.36 11.53 -31.50
CA LEU B 65 -29.13 12.21 -32.77
C LEU B 65 -27.83 12.97 -32.74
N PHE B 66 -27.66 13.76 -31.68
CA PHE B 66 -26.47 14.54 -31.44
C PHE B 66 -25.20 13.68 -31.45
N ASN B 67 -25.27 12.45 -30.95
CA ASN B 67 -24.12 11.52 -31.01
C ASN B 67 -23.72 11.15 -32.43
N GLN B 68 -24.70 10.90 -33.28
CA GLN B 68 -24.41 10.52 -34.65
C GLN B 68 -23.78 11.68 -35.42
N ILE B 69 -24.24 12.89 -35.16
CA ILE B 69 -23.66 14.09 -35.78
C ILE B 69 -22.19 14.18 -35.49
N VAL B 70 -21.85 14.18 -34.21
CA VAL B 70 -20.46 14.28 -33.74
C VAL B 70 -19.57 13.21 -34.38
N ILE B 71 -20.07 11.99 -34.44
CA ILE B 71 -19.31 10.91 -35.04
C ILE B 71 -18.99 11.21 -36.51
N THR B 72 -19.97 11.81 -37.19
CA THR B 72 -19.80 12.20 -38.59
C THR B 72 -18.75 13.30 -38.74
N ILE B 73 -18.93 14.37 -37.96
CA ILE B 73 -18.00 15.50 -37.94
C ILE B 73 -16.58 15.04 -37.65
N PHE B 74 -16.45 14.17 -36.65
CA PHE B 74 -15.17 13.60 -36.31
C PHE B 74 -14.69 12.76 -37.48
N THR B 75 -15.61 12.10 -38.16
CA THR B 75 -15.22 11.25 -39.27
C THR B 75 -14.73 12.15 -40.38
N ILE B 76 -15.46 13.22 -40.67
CA ILE B 76 -15.04 14.17 -41.70
C ILE B 76 -13.74 14.83 -41.29
N GLU B 77 -13.64 15.17 -40.01
CA GLU B 77 -12.45 15.79 -39.46
C GLU B 77 -11.23 14.88 -39.65
N ILE B 78 -11.41 13.57 -39.44
CA ILE B 78 -10.34 12.59 -39.63
C ILE B 78 -9.95 12.51 -41.12
N ILE B 79 -10.94 12.55 -42.00
CA ILE B 79 -10.72 12.48 -43.44
C ILE B 79 -9.93 13.68 -43.94
N LEU B 80 -10.32 14.86 -43.48
CA LEU B 80 -9.61 16.09 -43.83
C LEU B 80 -8.13 16.07 -43.45
N ARG B 81 -7.88 15.69 -42.20
CA ARG B 81 -6.53 15.66 -41.63
C ARG B 81 -5.62 14.68 -42.37
N ILE B 82 -6.22 13.63 -42.94
CA ILE B 82 -5.48 12.68 -43.75
C ILE B 82 -4.94 13.32 -45.02
N TYR B 83 -5.79 14.10 -45.68
CA TYR B 83 -5.39 14.79 -46.90
C TYR B 83 -4.25 15.76 -46.61
N VAL B 84 -4.41 16.46 -45.48
CA VAL B 84 -3.46 17.47 -44.98
C VAL B 84 -2.08 16.92 -44.61
N HIS B 85 -2.08 15.74 -44.00
CA HIS B 85 -0.88 15.08 -43.45
C HIS B 85 -0.32 13.91 -44.26
N ARG B 86 -1.15 13.30 -45.10
CA ARG B 86 -0.73 12.19 -45.96
C ARG B 86 -0.09 11.10 -45.11
N ILE B 87 1.11 10.70 -45.52
CA ILE B 87 1.77 9.53 -44.94
C ILE B 87 1.99 9.74 -43.45
N SER B 88 2.21 11.00 -43.08
CA SER B 88 2.45 11.41 -41.70
C SER B 88 1.32 11.07 -40.71
N PHE B 89 0.08 11.04 -41.18
CA PHE B 89 -1.09 10.83 -40.31
C PHE B 89 -1.01 9.49 -39.57
N PHE B 90 -0.55 8.49 -40.32
CA PHE B 90 -0.58 7.12 -39.88
C PHE B 90 0.75 6.83 -39.20
N LYS B 91 1.54 7.87 -39.00
CA LYS B 91 2.75 7.79 -38.17
C LYS B 91 2.62 8.79 -37.01
N ASP B 92 1.40 9.24 -36.75
CA ASP B 92 1.13 10.07 -35.59
C ASP B 92 0.40 9.25 -34.53
N PRO B 93 1.05 9.03 -33.38
CA PRO B 93 0.49 8.18 -32.35
C PRO B 93 -0.88 8.67 -31.87
N TRP B 94 -1.02 9.97 -31.75
CA TRP B 94 -2.24 10.60 -31.24
C TRP B 94 -3.38 10.49 -32.24
N SER B 95 -3.01 10.45 -33.52
CA SER B 95 -3.97 10.37 -34.61
C SER B 95 -4.42 8.95 -34.88
N LEU B 96 -3.51 8.00 -34.74
CA LEU B 96 -3.85 6.59 -34.82
C LEU B 96 -4.94 6.27 -33.77
N PHE B 97 -4.75 6.77 -32.55
CA PHE B 97 -5.76 6.66 -31.52
C PHE B 97 -7.05 7.28 -32.02
N ASP B 98 -6.92 8.53 -32.46
CA ASP B 98 -8.02 9.28 -32.99
C ASP B 98 -8.75 8.48 -34.04
N PHE B 99 -7.99 7.92 -34.98
CA PHE B 99 -8.58 7.10 -36.01
C PHE B 99 -9.49 6.00 -35.48
N PHE B 100 -8.91 5.12 -34.67
CA PHE B 100 -9.58 3.91 -34.23
C PHE B 100 -10.75 4.16 -33.29
N VAL B 101 -10.59 5.12 -32.39
CA VAL B 101 -11.67 5.39 -31.44
C VAL B 101 -12.85 6.04 -32.12
N VAL B 102 -12.62 6.55 -33.32
CA VAL B 102 -13.69 7.07 -34.12
C VAL B 102 -14.32 5.88 -34.88
N ALA B 103 -13.45 4.99 -35.36
CA ALA B 103 -13.89 3.78 -36.03
C ALA B 103 -14.88 3.02 -35.15
N ILE B 104 -14.55 2.84 -33.88
CA ILE B 104 -15.47 2.18 -32.94
C ILE B 104 -16.86 2.80 -33.01
N SER B 105 -16.91 4.14 -33.02
CA SER B 105 -18.19 4.83 -33.04
C SER B 105 -18.86 4.72 -34.41
N LEU B 106 -18.13 4.14 -35.36
CA LEU B 106 -18.58 4.04 -36.73
C LEU B 106 -19.15 2.64 -36.94
N VAL B 107 -18.97 1.79 -35.93
CA VAL B 107 -19.56 0.47 -35.92
C VAL B 107 -21.06 0.69 -35.67
N PRO B 108 -21.90 -0.01 -36.45
CA PRO B 108 -23.35 0.19 -36.51
C PRO B 108 -24.07 -0.13 -35.21
N THR B 109 -25.18 0.55 -34.93
CA THR B 109 -25.87 0.41 -33.67
C THR B 109 -26.52 -0.96 -33.59
N SER B 110 -25.71 -2.00 -33.45
CA SER B 110 -26.19 -3.38 -33.45
C SER B 110 -25.03 -4.36 -33.60
N SER B 111 -25.31 -5.53 -34.14
CA SER B 111 -24.31 -6.59 -34.42
C SER B 111 -24.11 -7.63 -33.32
N GLY B 112 -24.86 -7.52 -32.24
CA GLY B 112 -24.85 -8.56 -31.23
C GLY B 112 -23.68 -8.51 -30.28
N PHE B 113 -22.89 -7.46 -30.36
CA PHE B 113 -21.79 -7.28 -29.43
C PHE B 113 -21.86 -5.86 -28.90
N GLU B 114 -22.86 -5.59 -28.07
CA GLU B 114 -23.04 -4.23 -27.58
C GLU B 114 -21.95 -3.78 -26.64
N ILE B 115 -20.88 -4.53 -26.57
CA ILE B 115 -19.75 -4.12 -25.78
C ILE B 115 -19.20 -2.85 -26.46
N LEU B 116 -19.39 -2.79 -27.76
CA LEU B 116 -18.86 -1.73 -28.60
C LEU B 116 -19.63 -0.46 -28.39
N ARG B 117 -20.94 -0.60 -28.14
CA ARG B 117 -21.81 0.53 -27.83
C ARG B 117 -21.29 1.25 -26.59
N VAL B 118 -20.70 0.47 -25.69
CA VAL B 118 -20.16 1.00 -24.46
C VAL B 118 -18.80 1.59 -24.76
N LEU B 119 -18.09 0.94 -25.66
CA LEU B 119 -16.77 1.38 -26.10
C LEU B 119 -16.75 2.74 -26.80
N ARG B 120 -17.92 3.23 -27.16
CA ARG B 120 -18.08 4.56 -27.76
C ARG B 120 -17.40 5.62 -26.90
N VAL B 121 -17.58 5.49 -25.59
CA VAL B 121 -17.06 6.48 -24.65
C VAL B 121 -15.53 6.46 -24.56
N LEU B 122 -14.91 5.51 -25.24
CA LEU B 122 -13.49 5.56 -25.35
C LEU B 122 -13.06 6.83 -26.07
N ARG B 123 -13.97 7.40 -26.86
CA ARG B 123 -13.67 8.62 -27.63
C ARG B 123 -13.45 9.85 -26.79
N LEU B 124 -13.83 9.82 -25.53
CA LEU B 124 -13.66 11.01 -24.72
C LEU B 124 -12.21 11.14 -24.39
N PHE B 125 -11.46 10.08 -24.64
CA PHE B 125 -10.03 10.16 -24.44
C PHE B 125 -9.32 11.00 -25.51
N ARG B 126 -10.04 11.37 -26.56
CA ARG B 126 -9.50 12.28 -27.57
C ARG B 126 -9.17 13.61 -26.93
N LEU B 127 -9.84 13.94 -25.84
CA LEU B 127 -9.46 15.10 -25.04
C LEU B 127 -8.01 15.03 -24.53
N VAL B 128 -7.50 13.83 -24.33
CA VAL B 128 -6.09 13.65 -23.97
C VAL B 128 -5.17 13.90 -25.16
N THR B 129 -5.53 13.38 -26.34
CA THR B 129 -4.71 13.52 -27.55
C THR B 129 -4.77 14.96 -28.15
N ALA B 130 -5.82 15.71 -27.83
CA ALA B 130 -6.07 17.00 -28.45
C ALA B 130 -5.58 18.17 -27.60
N VAL B 131 -5.10 17.88 -26.41
CA VAL B 131 -4.63 18.93 -25.51
C VAL B 131 -3.19 18.66 -25.07
N PRO B 132 -2.25 19.51 -25.51
CA PRO B 132 -0.82 19.21 -25.37
C PRO B 132 -0.36 18.97 -23.93
N GLN B 133 -0.94 19.66 -22.95
CA GLN B 133 -0.56 19.37 -21.57
C GLN B 133 -0.96 17.94 -21.15
N MET B 134 -2.13 17.46 -21.61
CA MET B 134 -2.56 16.06 -21.45
C MET B 134 -1.56 15.17 -22.14
N ARG B 135 -1.34 15.46 -23.43
CA ARG B 135 -0.38 14.75 -24.24
C ARG B 135 0.96 14.67 -23.54
N LYS B 136 1.30 15.74 -22.83
CA LYS B 136 2.63 15.87 -22.26
C LYS B 136 2.75 14.91 -21.10
N ILE B 137 1.68 14.83 -20.30
CA ILE B 137 1.64 13.91 -19.15
C ILE B 137 1.64 12.48 -19.69
N VAL B 138 0.77 12.20 -20.64
CA VAL B 138 0.72 10.87 -21.21
C VAL B 138 2.05 10.48 -21.82
N SER B 139 2.63 11.40 -22.57
CA SER B 139 3.94 11.22 -23.17
C SER B 139 5.01 11.00 -22.10
N ALA B 140 4.97 11.83 -21.06
CA ALA B 140 5.90 11.68 -19.94
C ALA B 140 5.76 10.29 -19.33
N LEU B 141 4.53 9.90 -19.03
CA LEU B 141 4.22 8.59 -18.43
C LEU B 141 4.70 7.39 -19.25
N ILE B 142 4.45 7.41 -20.56
CA ILE B 142 4.80 6.31 -21.44
C ILE B 142 6.32 6.14 -21.43
N SER B 143 7.05 7.26 -21.41
CA SER B 143 8.51 7.25 -21.49
C SER B 143 9.17 6.42 -20.38
N VAL B 144 8.48 6.35 -19.24
CA VAL B 144 8.78 5.43 -18.13
C VAL B 144 8.79 3.93 -18.54
N ILE B 145 7.94 3.56 -19.50
CA ILE B 145 7.65 2.16 -19.83
C ILE B 145 8.81 1.43 -20.53
N PRO B 146 9.39 2.04 -21.60
CA PRO B 146 10.48 1.32 -22.27
C PRO B 146 11.58 0.96 -21.25
N GLY B 147 11.81 1.86 -20.30
CA GLY B 147 12.75 1.63 -19.20
C GLY B 147 12.41 0.42 -18.37
N MET B 148 11.11 0.06 -18.31
CA MET B 148 10.61 -1.06 -17.48
C MET B 148 10.31 -2.32 -18.29
N LEU B 149 10.44 -2.29 -19.62
CA LEU B 149 10.18 -3.50 -20.40
C LEU B 149 10.96 -4.71 -19.96
N SER B 150 12.11 -4.52 -19.36
CA SER B 150 12.85 -5.70 -18.95
C SER B 150 12.20 -6.31 -17.72
N VAL B 151 11.72 -5.44 -16.82
CA VAL B 151 11.09 -5.85 -15.57
C VAL B 151 9.71 -6.50 -15.77
N ILE B 152 8.87 -5.88 -16.60
CA ILE B 152 7.57 -6.43 -16.94
C ILE B 152 7.70 -7.82 -17.54
N ALA B 153 8.72 -8.01 -18.35
CA ALA B 153 8.90 -9.28 -18.96
C ALA B 153 9.29 -10.26 -17.86
N LEU B 154 10.22 -9.79 -17.04
CA LEU B 154 10.71 -10.53 -15.88
C LEU B 154 9.55 -10.86 -14.93
N MET B 155 8.78 -9.84 -14.55
CA MET B 155 7.59 -10.01 -13.71
C MET B 155 6.57 -10.97 -14.33
N THR B 156 6.22 -10.76 -15.60
CA THR B 156 5.26 -11.62 -16.26
C THR B 156 5.82 -13.05 -16.31
N LEU B 157 7.13 -13.19 -16.44
CA LEU B 157 7.71 -14.49 -16.48
C LEU B 157 7.59 -15.11 -15.11
N PHE B 158 7.87 -14.31 -14.08
CA PHE B 158 7.73 -14.79 -12.70
C PHE B 158 6.26 -15.28 -12.34
N PHE B 159 5.24 -14.45 -12.66
CA PHE B 159 3.86 -14.80 -12.49
C PHE B 159 3.50 -16.08 -13.25
N TYR B 160 3.97 -16.16 -14.48
CA TYR B 160 3.68 -17.29 -15.34
C TYR B 160 4.11 -18.58 -14.69
N ILE B 161 5.31 -18.57 -14.13
CA ILE B 161 5.90 -19.77 -13.48
C ILE B 161 5.18 -20.27 -12.19
N PHE B 162 4.95 -19.33 -11.28
CA PHE B 162 4.25 -19.60 -10.02
C PHE B 162 2.78 -19.96 -10.29
N ALA B 163 2.20 -19.43 -11.36
CA ALA B 163 0.81 -19.78 -11.75
C ALA B 163 0.73 -21.27 -12.10
N ILE B 164 1.74 -21.74 -12.78
CA ILE B 164 1.78 -23.13 -13.19
C ILE B 164 1.84 -23.95 -11.90
N MET B 165 2.75 -23.58 -11.01
CA MET B 165 2.92 -24.32 -9.74
C MET B 165 1.59 -24.36 -9.00
N ALA B 166 0.90 -23.22 -8.94
CA ALA B 166 -0.39 -23.19 -8.24
C ALA B 166 -1.40 -24.18 -8.75
N THR B 167 -1.64 -24.16 -10.04
CA THR B 167 -2.64 -25.07 -10.56
C THR B 167 -2.39 -26.52 -10.23
N GLN B 168 -1.15 -26.95 -10.29
CA GLN B 168 -0.88 -28.36 -10.05
C GLN B 168 -0.79 -28.56 -8.55
N LEU B 169 -0.49 -27.52 -7.81
CA LEU B 169 -0.49 -27.68 -6.36
C LEU B 169 -1.91 -27.49 -5.76
N PHE B 170 -2.72 -26.56 -6.24
CA PHE B 170 -3.91 -26.28 -5.44
C PHE B 170 -5.25 -26.35 -6.21
N GLY B 171 -5.16 -26.55 -7.49
CA GLY B 171 -6.27 -26.51 -8.43
C GLY B 171 -7.36 -27.57 -8.27
N GLU B 172 -7.01 -28.79 -7.88
CA GLU B 172 -7.99 -29.85 -7.79
C GLU B 172 -8.96 -29.63 -6.65
N ARG B 173 -8.46 -29.16 -5.50
CA ARG B 173 -9.35 -28.93 -4.35
C ARG B 173 -9.89 -27.52 -4.33
N PHE B 174 -9.26 -26.62 -5.06
CA PHE B 174 -9.72 -25.25 -5.09
C PHE B 174 -9.81 -24.72 -6.51
N PRO B 175 -10.68 -25.32 -7.31
CA PRO B 175 -10.80 -24.97 -8.73
C PRO B 175 -11.17 -23.51 -9.05
N GLU B 176 -12.02 -22.88 -8.26
CA GLU B 176 -12.39 -21.48 -8.53
C GLU B 176 -11.13 -20.61 -8.57
N TRP B 177 -10.24 -20.83 -7.60
CA TRP B 177 -9.05 -20.00 -7.40
C TRP B 177 -7.83 -20.48 -8.19
N PHE B 178 -7.71 -21.79 -8.39
CA PHE B 178 -6.47 -22.34 -8.96
C PHE B 178 -6.72 -23.44 -9.96
N GLY B 179 -7.94 -23.66 -10.35
CA GLY B 179 -8.22 -24.82 -11.18
C GLY B 179 -7.55 -24.84 -12.53
N THR B 180 -7.15 -23.64 -12.94
CA THR B 180 -6.74 -23.32 -14.30
C THR B 180 -5.72 -22.18 -14.24
N LEU B 181 -4.93 -22.05 -15.30
CA LEU B 181 -3.89 -21.02 -15.31
C LEU B 181 -4.39 -19.61 -15.07
N GLY B 182 -5.42 -19.21 -15.80
CA GLY B 182 -5.93 -17.87 -15.63
C GLY B 182 -6.42 -17.62 -14.24
N GLU B 183 -6.94 -18.66 -13.60
CA GLU B 183 -7.46 -18.46 -12.28
C GLU B 183 -6.28 -18.28 -11.37
N SER B 184 -5.24 -19.05 -11.63
CA SER B 184 -4.05 -18.93 -10.83
C SER B 184 -3.38 -17.58 -11.05
N PHE B 185 -3.35 -17.18 -12.31
CA PHE B 185 -2.91 -15.83 -12.66
C PHE B 185 -3.64 -14.75 -11.93
N TYR B 186 -4.98 -14.85 -12.02
CA TYR B 186 -5.89 -13.91 -11.38
C TYR B 186 -5.63 -13.85 -9.88
N THR B 187 -5.64 -15.01 -9.27
CA THR B 187 -5.47 -15.08 -7.86
C THR B 187 -4.11 -14.50 -7.42
N LEU B 188 -3.05 -14.93 -8.12
CA LEU B 188 -1.71 -14.43 -7.93
C LEU B 188 -1.63 -12.90 -8.14
N PHE B 189 -2.31 -12.41 -9.17
CA PHE B 189 -2.36 -10.99 -9.29
C PHE B 189 -2.98 -10.42 -8.05
N GLN B 190 -4.06 -11.02 -7.59
CA GLN B 190 -4.72 -10.65 -6.32
C GLN B 190 -3.80 -10.66 -5.09
N VAL B 191 -3.01 -11.69 -4.97
CA VAL B 191 -2.13 -11.72 -3.81
C VAL B 191 -1.07 -10.55 -3.83
N MET B 192 -0.67 -10.23 -5.05
CA MET B 192 0.28 -9.17 -5.29
C MET B 192 -0.34 -7.78 -5.00
N THR B 193 -1.64 -7.58 -5.15
CA THR B 193 -2.16 -6.29 -4.60
C THR B 193 -2.36 -6.46 -3.06
N LEU B 194 -1.88 -7.57 -2.48
CA LEU B 194 -2.04 -7.87 -1.03
C LEU B 194 -3.52 -7.82 -0.55
N ASP B 195 -4.49 -8.11 -1.45
CA ASP B 195 -5.93 -7.92 -1.20
C ASP B 195 -6.55 -9.21 -0.63
N ASP B 196 -6.91 -9.23 0.66
CA ASP B 196 -7.57 -10.39 1.27
C ASP B 196 -6.72 -11.59 0.99
N TRP B 197 -5.45 -11.45 1.12
CA TRP B 197 -4.68 -12.59 0.64
C TRP B 197 -4.66 -13.69 1.70
N SER B 198 -4.60 -13.28 2.96
CA SER B 198 -4.41 -14.27 4.04
C SER B 198 -5.68 -14.95 4.54
N ASN B 199 -6.51 -14.17 5.22
CA ASN B 199 -7.79 -14.75 5.64
C ASN B 199 -8.52 -15.19 4.35
N GLY B 200 -8.40 -14.50 3.24
CA GLY B 200 -9.26 -14.91 2.18
C GLY B 200 -8.76 -16.09 1.33
N ILE B 201 -7.45 -16.26 1.24
CA ILE B 201 -6.91 -17.25 0.29
C ILE B 201 -5.90 -18.18 0.92
N VAL B 202 -4.91 -17.64 1.59
CA VAL B 202 -3.85 -18.53 1.98
C VAL B 202 -4.28 -19.46 3.17
N ARG B 203 -4.95 -18.86 4.17
CA ARG B 203 -5.47 -19.53 5.34
C ARG B 203 -6.46 -20.65 4.98
N PRO B 204 -7.45 -20.37 4.10
CA PRO B 204 -8.27 -21.50 3.69
C PRO B 204 -7.42 -22.59 3.10
N LEU B 205 -6.51 -22.27 2.20
CA LEU B 205 -5.64 -23.26 1.61
C LEU B 205 -4.97 -24.12 2.63
N MET B 206 -4.58 -23.49 3.72
CA MET B 206 -3.88 -24.16 4.80
C MET B 206 -4.79 -25.15 5.64
N GLU B 207 -6.10 -25.02 5.51
CA GLU B 207 -6.95 -25.99 6.18
C GLU B 207 -6.63 -27.35 5.51
N VAL B 208 -6.47 -27.35 4.21
CA VAL B 208 -6.08 -28.55 3.46
C VAL B 208 -4.57 -28.71 3.16
N TYR B 209 -3.82 -27.62 2.99
CA TYR B 209 -2.42 -27.75 2.59
C TYR B 209 -1.56 -26.91 3.51
N PRO B 210 -1.19 -27.51 4.63
CA PRO B 210 -0.54 -26.80 5.72
C PRO B 210 0.67 -26.06 5.32
N TYR B 211 1.28 -26.38 4.20
CA TYR B 211 2.57 -25.71 3.91
C TYR B 211 2.52 -24.56 2.91
N ALA B 212 1.30 -24.11 2.63
CA ALA B 212 1.07 -23.12 1.62
C ALA B 212 1.81 -21.82 1.97
N TYR B 213 2.17 -21.58 3.24
CA TYR B 213 2.90 -20.32 3.55
C TYR B 213 4.24 -20.26 2.91
N VAL B 214 4.75 -21.41 2.45
CA VAL B 214 6.09 -21.51 1.84
C VAL B 214 6.12 -21.01 0.37
N PHE B 215 4.95 -21.03 -0.25
CA PHE B 215 4.77 -20.54 -1.60
C PHE B 215 4.44 -19.05 -1.56
N PHE B 216 3.45 -18.72 -0.76
CA PHE B 216 2.91 -17.41 -0.82
C PHE B 216 3.67 -16.37 -0.09
N ILE B 217 4.37 -16.76 0.96
CA ILE B 217 5.09 -15.71 1.65
C ILE B 217 6.35 -15.31 0.87
N PRO B 218 7.13 -16.30 0.35
CA PRO B 218 8.20 -15.92 -0.59
C PRO B 218 7.69 -15.16 -1.79
N PHE B 219 6.58 -15.63 -2.33
CA PHE B 219 5.91 -14.96 -3.44
C PHE B 219 5.66 -13.49 -3.16
N ILE B 220 5.23 -13.17 -1.96
CA ILE B 220 4.93 -11.78 -1.63
C ILE B 220 6.17 -10.87 -1.55
N PHE B 221 7.17 -11.37 -0.81
CA PHE B 221 8.46 -10.70 -0.60
C PHE B 221 9.06 -10.33 -1.93
N VAL B 222 9.09 -11.28 -2.88
CA VAL B 222 9.76 -11.10 -4.15
C VAL B 222 9.01 -10.05 -4.96
N VAL B 223 7.70 -10.16 -5.00
CA VAL B 223 6.96 -9.26 -5.81
C VAL B 223 7.01 -7.84 -5.27
N THR B 224 7.04 -7.69 -3.96
CA THR B 224 7.19 -6.35 -3.39
C THR B 224 8.59 -5.80 -3.72
N PHE B 225 9.59 -6.63 -3.41
CA PHE B 225 11.00 -6.31 -3.68
C PHE B 225 11.18 -5.78 -5.08
N VAL B 226 10.68 -6.50 -6.06
CA VAL B 226 10.91 -6.08 -7.43
C VAL B 226 10.19 -4.75 -7.67
N MET B 227 8.96 -4.68 -7.19
CA MET B 227 8.13 -3.50 -7.27
C MET B 227 8.77 -2.29 -6.62
N ILE B 228 9.15 -2.44 -5.37
CA ILE B 228 9.75 -1.34 -4.65
C ILE B 228 10.99 -0.83 -5.37
N ASN B 229 11.93 -1.73 -5.64
CA ASN B 229 13.23 -1.48 -6.30
C ASN B 229 13.09 -0.86 -7.69
N LEU B 230 12.04 -1.24 -8.39
CA LEU B 230 11.67 -0.65 -9.68
C LEU B 230 11.47 0.84 -9.56
N VAL B 231 10.64 1.23 -8.62
CA VAL B 231 10.35 2.64 -8.32
C VAL B 231 11.63 3.44 -8.00
N VAL B 232 12.44 2.88 -7.09
CA VAL B 232 13.72 3.47 -6.70
C VAL B 232 14.63 3.71 -7.90
N ALA B 233 14.65 2.76 -8.85
CA ALA B 233 15.45 2.89 -10.07
C ALA B 233 14.97 4.08 -10.90
N ILE B 234 13.66 4.21 -11.06
CA ILE B 234 13.06 5.31 -11.79
C ILE B 234 13.47 6.66 -11.21
N ILE B 235 13.24 6.85 -9.91
CA ILE B 235 13.68 8.08 -9.19
C ILE B 235 15.13 8.49 -9.51
N VAL B 236 16.09 7.61 -9.24
CA VAL B 236 17.50 7.98 -9.31
C VAL B 236 17.87 8.31 -10.75
N ASP B 237 17.34 7.53 -11.68
CA ASP B 237 17.64 7.78 -13.08
C ASP B 237 16.80 8.94 -13.58
N MET C 19 41.40 -2.10 42.16
CA MET C 19 40.03 -2.63 42.32
C MET C 19 39.08 -1.99 41.31
N TYR C 20 39.00 -0.67 41.36
CA TYR C 20 38.30 0.09 40.33
C TYR C 20 38.82 -0.28 38.95
N LEU C 21 40.13 -0.35 38.79
CA LEU C 21 40.73 -0.68 37.50
C LEU C 21 40.57 -2.15 37.15
N ARG C 22 40.52 -3.00 38.16
CA ARG C 22 40.40 -4.44 37.97
C ARG C 22 39.02 -4.84 37.45
N ILE C 23 37.98 -4.31 38.09
CA ILE C 23 36.61 -4.46 37.62
C ILE C 23 36.45 -3.93 36.20
N THR C 24 36.82 -2.66 36.00
CA THR C 24 36.73 -1.96 34.71
C THR C 24 37.32 -2.79 33.58
N ASN C 25 38.41 -3.48 33.86
CA ASN C 25 39.09 -4.26 32.85
C ASN C 25 38.34 -5.55 32.52
N ILE C 26 37.56 -6.04 33.46
CA ILE C 26 36.73 -7.22 33.22
C ILE C 26 35.50 -6.97 32.31
N VAL C 27 34.64 -6.02 32.72
CA VAL C 27 33.41 -5.70 32.01
C VAL C 27 33.61 -5.29 30.54
N GLU C 28 34.73 -4.63 30.24
CA GLU C 28 35.00 -4.15 28.89
C GLU C 28 35.71 -5.16 28.01
N SER C 29 36.00 -6.33 28.55
CA SER C 29 36.78 -7.28 27.79
C SER C 29 35.91 -7.88 26.71
N SER C 30 36.54 -8.41 25.69
CA SER C 30 35.82 -9.09 24.63
C SER C 30 35.30 -10.46 25.03
N PHE C 31 35.54 -10.87 26.28
CA PHE C 31 35.01 -12.15 26.74
C PHE C 31 33.72 -11.94 27.50
N PHE C 32 33.65 -10.84 28.24
CA PHE C 32 32.44 -10.49 29.00
C PHE C 32 31.27 -10.29 28.07
N THR C 33 31.46 -9.43 27.05
CA THR C 33 30.42 -9.13 26.09
C THR C 33 30.01 -10.34 25.21
N LYS C 34 30.98 -11.15 24.79
CA LYS C 34 30.63 -12.33 23.98
C LYS C 34 29.82 -13.30 24.82
N PHE C 35 30.16 -13.36 26.10
CA PHE C 35 29.49 -14.27 27.03
C PHE C 35 28.05 -13.81 27.21
N ILE C 36 27.86 -12.53 27.55
CA ILE C 36 26.52 -12.02 27.81
C ILE C 36 25.68 -12.17 26.57
N ILE C 37 26.25 -11.81 25.42
CA ILE C 37 25.57 -11.92 24.15
C ILE C 37 25.19 -13.38 23.91
N TYR C 38 26.12 -14.27 24.23
CA TYR C 38 25.89 -15.69 24.11
C TYR C 38 24.68 -16.05 24.99
N LEU C 39 24.67 -15.54 26.21
CA LEU C 39 23.57 -15.78 27.14
C LEU C 39 22.26 -15.24 26.59
N ILE C 40 22.34 -14.12 25.87
CA ILE C 40 21.14 -13.48 25.30
C ILE C 40 20.62 -14.36 24.20
N VAL C 41 21.55 -14.83 23.37
CA VAL C 41 21.18 -15.69 22.30
C VAL C 41 20.61 -16.99 22.84
N LEU C 42 21.15 -17.45 23.95
CA LEU C 42 20.64 -18.68 24.55
C LEU C 42 19.24 -18.55 25.15
N ASN C 43 19.06 -17.49 25.94
CA ASN C 43 17.78 -17.22 26.62
C ASN C 43 16.67 -17.09 25.58
N GLY C 44 17.00 -16.46 24.47
CA GLY C 44 16.05 -16.23 23.41
C GLY C 44 15.67 -17.52 22.77
N ILE C 45 16.60 -18.46 22.68
CA ILE C 45 16.25 -19.80 22.20
C ILE C 45 15.33 -20.55 23.19
N THR C 46 15.55 -20.36 24.49
CA THR C 46 14.72 -21.03 25.50
C THR C 46 13.32 -20.44 25.57
N MET C 47 13.24 -19.13 25.35
CA MET C 47 11.96 -18.42 25.41
C MET C 47 11.07 -18.88 24.24
N GLY C 48 11.71 -19.21 23.13
CA GLY C 48 11.04 -19.89 22.03
C GLY C 48 10.54 -21.23 22.50
N LEU C 49 11.44 -22.03 23.07
CA LEU C 49 11.12 -23.32 23.63
C LEU C 49 9.97 -23.34 24.67
N GLU C 50 9.90 -22.27 25.47
CA GLU C 50 8.89 -22.10 26.50
C GLU C 50 7.51 -22.01 25.94
N THR C 51 7.40 -21.90 24.62
CA THR C 51 6.11 -21.76 23.97
C THR C 51 5.45 -23.11 23.76
N SER C 52 6.26 -24.15 23.63
CA SER C 52 5.72 -25.48 23.53
C SER C 52 5.29 -25.99 24.91
N LYS C 53 4.02 -26.29 25.05
CA LYS C 53 3.50 -26.84 26.30
C LYS C 53 3.94 -28.31 26.46
N THR C 54 4.20 -29.01 25.35
CA THR C 54 4.85 -30.32 25.37
C THR C 54 6.22 -30.19 26.08
N PHE C 55 7.16 -29.46 25.46
CA PHE C 55 8.49 -29.17 26.04
C PHE C 55 8.40 -28.70 27.50
N MET C 56 7.35 -27.94 27.81
CA MET C 56 7.17 -27.34 29.12
C MET C 56 6.94 -28.49 30.10
N GLN C 57 6.06 -29.39 29.68
CA GLN C 57 5.65 -30.55 30.44
C GLN C 57 6.83 -31.49 30.73
N SER C 58 7.53 -31.91 29.68
CA SER C 58 8.71 -32.75 29.88
C SER C 58 10.01 -32.02 30.31
N PHE C 59 10.29 -30.83 29.79
CA PHE C 59 11.55 -30.17 30.14
C PHE C 59 11.37 -28.69 30.37
N GLY C 60 10.56 -28.29 31.34
CA GLY C 60 10.44 -26.89 31.62
C GLY C 60 10.78 -26.41 32.99
N VAL C 61 10.91 -27.31 33.96
CA VAL C 61 11.40 -26.87 35.26
C VAL C 61 12.89 -26.53 35.06
N TYR C 62 13.51 -27.21 34.10
CA TYR C 62 14.85 -26.84 33.63
C TYR C 62 14.94 -25.38 33.24
N THR C 63 13.93 -24.94 32.51
CA THR C 63 13.94 -23.60 31.95
C THR C 63 13.58 -22.54 32.97
N THR C 64 12.76 -22.91 33.95
CA THR C 64 12.31 -21.92 34.90
C THR C 64 13.51 -21.46 35.71
N LEU C 65 14.44 -22.39 35.94
CA LEU C 65 15.65 -22.07 36.69
C LEU C 65 16.71 -21.46 35.76
N PHE C 66 16.78 -21.97 34.55
CA PHE C 66 17.65 -21.38 33.52
C PHE C 66 17.36 -19.89 33.38
N ASN C 67 16.07 -19.56 33.31
CA ASN C 67 15.63 -18.16 33.25
C ASN C 67 16.16 -17.32 34.41
N GLN C 68 16.12 -17.87 35.61
CA GLN C 68 16.53 -17.11 36.78
C GLN C 68 18.06 -17.04 36.88
N ILE C 69 18.73 -18.02 36.28
CA ILE C 69 20.20 -18.00 36.20
C ILE C 69 20.70 -16.89 35.27
N VAL C 70 20.10 -16.86 34.08
CA VAL C 70 20.41 -15.85 33.10
C VAL C 70 20.06 -14.44 33.59
N ILE C 71 18.99 -14.33 34.38
CA ILE C 71 18.50 -13.01 34.80
C ILE C 71 19.44 -12.40 35.85
N THR C 72 20.09 -13.27 36.62
CA THR C 72 21.04 -12.82 37.63
C THR C 72 22.38 -12.38 37.03
N ILE C 73 22.98 -13.25 36.22
CA ILE C 73 24.22 -12.91 35.52
C ILE C 73 24.08 -11.55 34.83
N PHE C 74 22.90 -11.32 34.26
CA PHE C 74 22.61 -10.06 33.59
C PHE C 74 22.47 -8.97 34.63
N THR C 75 21.93 -9.34 35.79
CA THR C 75 21.71 -8.38 36.86
C THR C 75 23.05 -7.90 37.38
N ILE C 76 23.99 -8.84 37.48
CA ILE C 76 25.35 -8.53 37.88
C ILE C 76 26.04 -7.61 36.87
N GLU C 77 25.92 -7.96 35.61
CA GLU C 77 26.40 -7.13 34.51
C GLU C 77 25.98 -5.67 34.67
N ILE C 78 24.72 -5.45 35.02
CA ILE C 78 24.16 -4.10 35.14
C ILE C 78 24.82 -3.38 36.30
N ILE C 79 24.96 -4.09 37.41
CA ILE C 79 25.56 -3.54 38.62
C ILE C 79 27.02 -3.12 38.36
N LEU C 80 27.82 -4.05 37.82
CA LEU C 80 29.21 -3.79 37.43
C LEU C 80 29.35 -2.56 36.55
N ARG C 81 28.54 -2.50 35.51
CA ARG C 81 28.61 -1.39 34.56
C ARG C 81 28.28 -0.05 35.23
N ILE C 82 27.46 -0.06 36.27
CA ILE C 82 27.11 1.16 36.99
C ILE C 82 28.25 1.60 37.91
N TYR C 83 29.03 0.64 38.42
CA TYR C 83 30.24 0.94 39.20
C TYR C 83 31.30 1.58 38.33
N VAL C 84 31.49 0.99 37.15
CA VAL C 84 32.47 1.44 36.18
C VAL C 84 32.15 2.79 35.53
N HIS C 85 30.93 2.95 35.04
CA HIS C 85 30.55 4.15 34.27
C HIS C 85 30.01 5.25 35.16
N ARG C 86 29.57 4.86 36.35
CA ARG C 86 29.01 5.78 37.34
C ARG C 86 27.90 6.56 36.68
N ILE C 87 27.91 7.87 36.85
CA ILE C 87 26.81 8.69 36.44
C ILE C 87 26.68 8.66 34.91
N SER C 88 27.77 8.40 34.19
CA SER C 88 27.71 8.41 32.73
C SER C 88 26.98 7.16 32.16
N PHE C 89 26.72 6.16 33.01
CA PHE C 89 25.93 4.98 32.63
C PHE C 89 24.52 5.42 32.25
N PHE C 90 24.01 6.36 33.03
CA PHE C 90 22.64 6.83 32.96
C PHE C 90 22.51 8.05 32.03
N LYS C 91 23.57 8.35 31.29
CA LYS C 91 23.50 9.31 30.21
C LYS C 91 23.54 8.51 28.92
N ASP C 92 23.55 7.19 29.05
CA ASP C 92 23.55 6.33 27.89
C ASP C 92 22.14 5.79 27.68
N PRO C 93 21.45 6.28 26.64
CA PRO C 93 20.08 5.84 26.37
C PRO C 93 19.99 4.32 26.24
N TRP C 94 21.03 3.72 25.68
CA TRP C 94 21.13 2.28 25.50
C TRP C 94 21.25 1.55 26.84
N SER C 95 21.91 2.20 27.79
CA SER C 95 22.19 1.57 29.08
C SER C 95 20.97 1.68 29.96
N LEU C 96 20.34 2.86 29.95
CA LEU C 96 19.07 3.08 30.63
C LEU C 96 18.08 2.02 30.14
N PHE C 97 18.06 1.83 28.83
CA PHE C 97 17.22 0.84 28.25
C PHE C 97 17.55 -0.52 28.86
N ASP C 98 18.85 -0.84 28.89
CA ASP C 98 19.39 -2.10 29.45
C ASP C 98 18.93 -2.28 30.88
N PHE C 99 19.01 -1.19 31.63
CA PHE C 99 18.58 -1.11 33.02
C PHE C 99 17.07 -1.43 33.11
N PHE C 100 16.29 -0.59 32.42
CA PHE C 100 14.83 -0.65 32.45
C PHE C 100 14.30 -1.96 31.95
N VAL C 101 14.99 -2.55 30.97
CA VAL C 101 14.60 -3.86 30.44
C VAL C 101 14.87 -5.01 31.41
N VAL C 102 15.93 -4.88 32.19
CA VAL C 102 16.27 -5.92 33.15
C VAL C 102 15.43 -5.69 34.39
N ALA C 103 15.07 -4.42 34.63
CA ALA C 103 14.19 -4.02 35.73
C ALA C 103 12.87 -4.76 35.71
N ILE C 104 12.11 -4.59 34.61
CA ILE C 104 10.80 -5.19 34.46
C ILE C 104 10.90 -6.72 34.54
N SER C 105 12.11 -7.25 34.33
CA SER C 105 12.39 -8.68 34.40
C SER C 105 12.69 -9.10 35.85
N LEU C 106 12.69 -8.13 36.77
CA LEU C 106 12.93 -8.41 38.20
C LEU C 106 11.64 -8.59 39.01
N VAL C 107 10.54 -8.01 38.54
CA VAL C 107 9.26 -8.18 39.21
C VAL C 107 8.88 -9.66 39.12
N PRO C 108 8.30 -10.20 40.19
CA PRO C 108 7.98 -11.64 40.28
C PRO C 108 6.91 -12.13 39.30
N THR C 109 6.94 -13.43 39.04
CA THR C 109 6.06 -14.05 38.06
C THR C 109 4.64 -13.75 38.47
N SER C 110 4.43 -13.90 39.76
CA SER C 110 3.19 -13.58 40.40
C SER C 110 3.09 -12.08 40.64
N SER C 111 1.91 -11.63 41.04
CA SER C 111 1.70 -10.25 41.48
C SER C 111 1.51 -9.32 40.31
N GLY C 112 1.17 -8.07 40.62
CA GLY C 112 0.96 -7.10 39.58
C GLY C 112 -0.06 -7.63 38.62
N PHE C 113 0.38 -7.86 37.39
CA PHE C 113 -0.45 -8.51 36.37
C PHE C 113 0.35 -9.46 35.45
N GLU C 114 -0.39 -10.41 34.87
CA GLU C 114 0.15 -11.45 33.98
C GLU C 114 1.01 -10.84 32.90
N ILE C 115 0.78 -9.56 32.64
CA ILE C 115 1.46 -8.85 31.59
C ILE C 115 2.95 -8.65 31.84
N LEU C 116 3.35 -8.40 33.08
CA LEU C 116 4.76 -8.10 33.37
C LEU C 116 5.61 -9.33 33.08
N ARG C 117 4.96 -10.49 33.21
CA ARG C 117 5.58 -11.77 32.91
C ARG C 117 5.89 -11.79 31.43
N VAL C 118 5.03 -11.16 30.65
CA VAL C 118 5.19 -11.11 29.19
C VAL C 118 6.10 -9.96 28.76
N LEU C 119 6.12 -8.91 29.57
CA LEU C 119 7.02 -7.82 29.34
C LEU C 119 8.51 -8.23 29.42
N ARG C 120 8.80 -9.27 30.20
CA ARG C 120 10.14 -9.83 30.32
C ARG C 120 10.81 -10.17 29.00
N VAL C 121 10.04 -10.60 28.00
CA VAL C 121 10.61 -10.99 26.74
C VAL C 121 11.30 -9.79 26.04
N LEU C 122 10.95 -8.57 26.45
CA LEU C 122 11.60 -7.35 25.94
C LEU C 122 13.11 -7.30 26.16
N ARG C 123 13.64 -8.22 26.96
CA ARG C 123 15.06 -8.21 27.26
C ARG C 123 15.84 -8.79 26.13
N LEU C 124 15.16 -9.30 25.12
CA LEU C 124 15.88 -9.77 23.95
C LEU C 124 16.31 -8.57 23.12
N PHE C 125 15.71 -7.41 23.42
CA PHE C 125 16.09 -6.19 22.75
C PHE C 125 17.44 -5.75 23.21
N ARG C 126 18.07 -6.51 24.12
CA ARG C 126 19.44 -6.22 24.54
C ARG C 126 20.46 -6.59 23.45
N LEU C 127 20.15 -7.65 22.70
CA LEU C 127 20.88 -8.00 21.50
C LEU C 127 21.05 -6.79 20.54
N VAL C 128 20.04 -5.91 20.54
CA VAL C 128 20.13 -4.65 19.79
C VAL C 128 21.10 -3.72 20.54
N THR C 129 20.98 -3.66 21.86
CA THR C 129 21.77 -2.77 22.65
C THR C 129 23.28 -3.09 22.59
N ALA C 130 23.60 -4.36 22.26
CA ALA C 130 24.91 -4.91 22.53
C ALA C 130 25.66 -5.27 21.27
N VAL C 131 24.96 -5.32 20.16
CA VAL C 131 25.64 -5.50 18.91
C VAL C 131 25.70 -4.15 18.22
N PRO C 132 26.92 -3.65 18.01
CA PRO C 132 27.14 -2.33 17.41
C PRO C 132 26.44 -2.19 16.07
N GLN C 133 26.36 -3.29 15.32
CA GLN C 133 25.67 -3.23 14.02
C GLN C 133 24.18 -2.90 14.21
N MET C 134 23.53 -3.53 15.20
CA MET C 134 22.11 -3.26 15.53
C MET C 134 21.98 -1.83 16.03
N ARG C 135 22.91 -1.44 16.89
CA ARG C 135 22.92 -0.10 17.48
C ARG C 135 22.96 1.01 16.42
N LYS C 136 23.56 0.72 15.27
CA LYS C 136 23.75 1.75 14.26
C LYS C 136 22.52 1.93 13.40
N ILE C 137 21.92 0.81 13.02
CA ILE C 137 20.66 0.83 12.33
C ILE C 137 19.59 1.53 13.15
N VAL C 138 19.48 1.17 14.42
CA VAL C 138 18.46 1.75 15.26
C VAL C 138 18.62 3.27 15.36
N SER C 139 19.84 3.71 15.65
CA SER C 139 20.16 5.14 15.72
C SER C 139 19.84 5.86 14.42
N ALA C 140 20.27 5.30 13.30
CA ALA C 140 19.99 5.91 12.00
C ALA C 140 18.49 6.12 11.81
N LEU C 141 17.73 5.09 12.17
CA LEU C 141 16.26 5.12 12.11
C LEU C 141 15.68 6.24 12.96
N ILE C 142 16.13 6.29 14.22
CA ILE C 142 15.72 7.33 15.19
C ILE C 142 16.00 8.73 14.66
N SER C 143 17.09 8.87 13.96
CA SER C 143 17.53 10.16 13.47
C SER C 143 16.59 10.78 12.43
N VAL C 144 15.75 9.92 11.85
CA VAL C 144 14.70 10.34 10.96
C VAL C 144 13.58 11.06 11.72
N ILE C 145 13.43 10.75 13.00
CA ILE C 145 12.24 11.15 13.80
C ILE C 145 12.10 12.66 14.07
N PRO C 146 13.18 13.34 14.52
CA PRO C 146 13.08 14.77 14.90
C PRO C 146 12.46 15.72 13.86
N GLY C 147 12.68 15.46 12.58
CA GLY C 147 12.07 16.25 11.53
C GLY C 147 10.57 16.05 11.42
N MET C 148 10.12 14.85 11.78
CA MET C 148 8.75 14.49 11.57
C MET C 148 7.84 15.08 12.63
N LEU C 149 8.40 15.42 13.80
CA LEU C 149 7.59 15.93 14.93
C LEU C 149 6.66 17.08 14.62
N SER C 150 6.81 17.66 13.43
CA SER C 150 5.94 18.73 13.02
C SER C 150 4.73 18.20 12.28
N VAL C 151 4.97 17.35 11.31
CA VAL C 151 3.90 16.63 10.62
C VAL C 151 3.11 15.75 11.54
N ILE C 152 3.79 15.13 12.50
CA ILE C 152 3.12 14.30 13.48
C ILE C 152 2.11 15.06 14.32
N ALA C 153 2.54 16.12 15.00
CA ALA C 153 1.64 16.93 15.80
C ALA C 153 0.41 17.41 15.01
N LEU C 154 0.61 17.91 13.79
CA LEU C 154 -0.51 18.38 12.98
C LEU C 154 -1.45 17.24 12.75
N MET C 155 -0.92 16.05 12.42
CA MET C 155 -1.76 14.91 12.09
C MET C 155 -2.57 14.43 13.30
N THR C 156 -1.91 14.37 14.45
CA THR C 156 -2.57 14.02 15.68
C THR C 156 -3.72 14.98 15.96
N LEU C 157 -3.53 16.26 15.70
CA LEU C 157 -4.61 17.20 15.87
C LEU C 157 -5.72 16.91 14.87
N PHE C 158 -5.32 16.55 13.66
CA PHE C 158 -6.27 16.29 12.59
C PHE C 158 -7.19 15.13 12.94
N PHE C 159 -6.57 14.09 13.48
CA PHE C 159 -7.26 12.92 13.99
C PHE C 159 -8.20 13.27 15.12
N TYR C 160 -7.73 14.11 16.02
CA TYR C 160 -8.50 14.53 17.17
C TYR C 160 -9.81 15.25 16.78
N ILE C 161 -9.70 16.17 15.83
CA ILE C 161 -10.89 16.91 15.40
C ILE C 161 -11.86 16.01 14.71
N PHE C 162 -11.36 15.08 13.90
CA PHE C 162 -12.26 14.23 13.12
C PHE C 162 -12.84 13.14 13.95
N ALA C 163 -12.05 12.70 14.92
CA ALA C 163 -12.54 11.67 15.80
C ALA C 163 -13.71 12.24 16.59
N ILE C 164 -13.61 13.52 16.95
CA ILE C 164 -14.72 14.18 17.60
C ILE C 164 -15.94 14.24 16.65
N MET C 165 -15.77 14.70 15.42
CA MET C 165 -16.90 14.75 14.48
C MET C 165 -17.48 13.35 14.26
N ALA C 166 -16.63 12.33 14.28
CA ALA C 166 -17.11 10.99 14.00
C ALA C 166 -17.94 10.48 15.16
N THR C 167 -17.48 10.62 16.38
CA THR C 167 -18.34 10.25 17.49
C THR C 167 -19.79 10.79 17.47
N GLN C 168 -19.96 12.09 17.35
CA GLN C 168 -21.32 12.66 17.38
C GLN C 168 -22.21 12.24 16.22
N LEU C 169 -21.63 12.15 15.04
CA LEU C 169 -22.36 11.73 13.83
C LEU C 169 -22.86 10.25 13.77
N PHE C 170 -22.02 9.32 14.24
CA PHE C 170 -22.10 7.91 13.88
C PHE C 170 -22.03 7.00 15.06
N GLY C 171 -21.72 7.56 16.21
CA GLY C 171 -21.57 6.76 17.41
C GLY C 171 -22.88 6.28 18.02
N GLU C 172 -24.00 6.90 17.70
CA GLU C 172 -25.26 6.42 18.23
C GLU C 172 -25.76 5.14 17.53
N ARG C 173 -25.58 5.11 16.22
CA ARG C 173 -26.06 3.99 15.42
C ARG C 173 -24.89 3.04 15.18
N PHE C 174 -23.70 3.58 15.35
CA PHE C 174 -22.52 2.74 15.19
C PHE C 174 -21.50 2.87 16.30
N PRO C 175 -21.90 2.55 17.54
CA PRO C 175 -21.10 2.68 18.74
C PRO C 175 -19.83 1.86 18.73
N GLU C 176 -19.81 0.69 18.12
CA GLU C 176 -18.57 -0.11 18.09
C GLU C 176 -17.44 0.64 17.44
N TRP C 177 -17.80 1.35 16.41
CA TRP C 177 -16.84 2.03 15.57
C TRP C 177 -16.49 3.46 16.02
N PHE C 178 -17.48 4.08 16.64
CA PHE C 178 -17.51 5.50 16.84
C PHE C 178 -18.18 5.88 18.16
N GLY C 179 -18.35 4.95 19.07
CA GLY C 179 -19.17 5.29 20.22
C GLY C 179 -18.44 6.26 21.13
N THR C 180 -17.15 6.38 20.90
CA THR C 180 -16.26 7.03 21.83
C THR C 180 -15.08 7.62 21.07
N LEU C 181 -14.55 8.68 21.64
CA LEU C 181 -13.39 9.31 21.10
C LEU C 181 -12.39 8.22 20.79
N GLY C 182 -12.11 7.39 21.78
CA GLY C 182 -11.09 6.39 21.56
C GLY C 182 -11.55 5.50 20.45
N GLU C 183 -12.81 5.17 20.49
CA GLU C 183 -13.36 4.30 19.50
C GLU C 183 -13.35 4.98 18.16
N SER C 184 -13.61 6.27 18.15
CA SER C 184 -13.52 6.98 16.89
C SER C 184 -12.06 7.02 16.39
N PHE C 185 -11.11 7.15 17.30
CA PHE C 185 -9.71 7.11 16.92
C PHE C 185 -9.29 5.78 16.32
N TYR C 186 -9.70 4.68 16.95
CA TYR C 186 -9.36 3.36 16.40
C TYR C 186 -9.92 3.14 15.03
N THR C 187 -11.16 3.53 14.83
CA THR C 187 -11.71 3.21 13.52
C THR C 187 -10.94 4.07 12.49
N LEU C 188 -10.67 5.35 12.80
CA LEU C 188 -10.05 6.23 11.79
C LEU C 188 -8.60 5.80 11.38
N PHE C 189 -7.86 5.29 12.36
CA PHE C 189 -6.56 4.71 12.09
C PHE C 189 -6.63 3.58 11.12
N GLN C 190 -7.64 2.71 11.37
CA GLN C 190 -7.96 1.54 10.57
C GLN C 190 -8.24 1.98 9.17
N VAL C 191 -9.03 3.06 9.08
CA VAL C 191 -9.40 3.60 7.76
C VAL C 191 -8.14 4.13 7.09
N MET C 192 -7.33 4.82 7.90
CA MET C 192 -6.01 5.33 7.44
C MET C 192 -5.12 4.26 6.84
N THR C 193 -5.05 3.13 7.49
CA THR C 193 -4.27 2.10 6.92
C THR C 193 -5.04 1.57 5.71
N LEU C 194 -6.17 2.21 5.39
CA LEU C 194 -7.04 1.75 4.32
C LEU C 194 -7.52 0.27 4.46
N ASP C 195 -7.75 -0.20 5.72
CA ASP C 195 -8.06 -1.64 6.04
C ASP C 195 -9.50 -2.04 6.00
N ASP C 196 -9.94 -2.63 4.88
CA ASP C 196 -11.31 -3.05 4.73
C ASP C 196 -12.22 -1.83 4.96
N TRP C 197 -11.79 -0.69 4.41
CA TRP C 197 -12.39 0.57 4.79
C TRP C 197 -13.76 0.70 4.11
N SER C 198 -13.91 0.19 2.91
CA SER C 198 -15.17 0.38 2.19
C SER C 198 -16.29 -0.58 2.48
N ASN C 199 -16.11 -1.84 2.06
CA ASN C 199 -17.12 -2.83 2.41
C ASN C 199 -17.23 -2.90 3.91
N GLY C 200 -16.16 -2.70 4.64
CA GLY C 200 -16.30 -3.01 6.02
C GLY C 200 -16.84 -1.93 6.92
N ILE C 201 -16.73 -0.66 6.50
CA ILE C 201 -17.15 0.51 7.31
C ILE C 201 -18.07 1.58 6.61
N VAL C 202 -17.74 1.99 5.39
CA VAL C 202 -18.42 3.15 4.91
C VAL C 202 -19.71 2.81 4.23
N ARG C 203 -19.74 1.67 3.52
CA ARG C 203 -21.02 1.19 2.92
C ARG C 203 -22.03 0.94 4.04
N PRO C 204 -21.66 0.22 5.14
CA PRO C 204 -22.67 0.11 6.17
C PRO C 204 -23.12 1.44 6.69
N LEU C 205 -22.17 2.32 7.05
CA LEU C 205 -22.50 3.71 7.43
C LEU C 205 -23.38 4.40 6.45
N MET C 206 -23.14 4.19 5.17
CA MET C 206 -23.87 4.93 4.16
C MET C 206 -25.28 4.44 4.03
N GLU C 207 -25.61 3.35 4.71
CA GLU C 207 -26.94 2.77 4.64
C GLU C 207 -27.92 3.49 5.54
N VAL C 208 -27.40 3.96 6.68
CA VAL C 208 -28.07 4.95 7.53
C VAL C 208 -27.85 6.38 7.08
N TYR C 209 -26.59 6.71 6.83
CA TYR C 209 -26.23 8.06 6.49
C TYR C 209 -25.64 8.11 5.10
N PRO C 210 -26.51 8.24 4.08
CA PRO C 210 -26.09 8.20 2.67
C PRO C 210 -24.93 9.15 2.32
N TYR C 211 -24.75 10.23 3.07
CA TYR C 211 -23.70 11.19 2.74
C TYR C 211 -22.42 10.97 3.53
N ALA C 212 -22.25 9.79 4.11
CA ALA C 212 -21.06 9.55 4.90
C ALA C 212 -19.78 9.62 4.02
N TYR C 213 -19.89 9.48 2.70
CA TYR C 213 -18.70 9.49 1.80
C TYR C 213 -18.05 10.84 1.72
N VAL C 214 -18.78 11.86 2.13
CA VAL C 214 -18.30 13.24 2.20
C VAL C 214 -17.32 13.42 3.39
N PHE C 215 -17.37 12.51 4.35
CA PHE C 215 -16.47 12.54 5.52
C PHE C 215 -15.19 11.72 5.28
N PHE C 216 -15.34 10.55 4.69
CA PHE C 216 -14.26 9.60 4.63
C PHE C 216 -13.43 9.70 3.38
N ILE C 217 -14.05 10.12 2.30
CA ILE C 217 -13.25 10.20 1.11
C ILE C 217 -12.30 11.38 1.24
N PRO C 218 -12.81 12.57 1.58
CA PRO C 218 -11.87 13.65 1.89
C PRO C 218 -10.84 13.31 2.94
N PHE C 219 -11.27 12.72 4.03
CA PHE C 219 -10.39 12.29 5.12
C PHE C 219 -9.22 11.47 4.59
N ILE C 220 -9.49 10.61 3.63
CA ILE C 220 -8.51 9.65 3.10
C ILE C 220 -7.50 10.39 2.21
N PHE C 221 -8.02 11.28 1.37
CA PHE C 221 -7.19 12.16 0.57
C PHE C 221 -6.14 12.88 1.46
N VAL C 222 -6.62 13.61 2.45
CA VAL C 222 -5.76 14.34 3.35
C VAL C 222 -4.69 13.39 3.88
N VAL C 223 -5.17 12.31 4.50
CA VAL C 223 -4.36 11.32 5.17
C VAL C 223 -3.40 10.65 4.15
N THR C 224 -3.77 10.59 2.88
CA THR C 224 -2.85 9.95 1.91
C THR C 224 -1.89 11.00 1.39
N PHE C 225 -2.40 12.20 1.16
CA PHE C 225 -1.52 13.31 0.78
C PHE C 225 -0.42 13.51 1.80
N VAL C 226 -0.76 13.64 3.07
CA VAL C 226 0.20 13.98 4.12
C VAL C 226 1.26 12.94 4.25
N MET C 227 0.91 11.72 4.01
CA MET C 227 1.90 10.68 4.16
C MET C 227 2.90 10.73 3.02
N ILE C 228 2.39 10.92 1.81
CA ILE C 228 3.24 10.97 0.62
C ILE C 228 4.26 12.07 0.79
N ASN C 229 3.74 13.23 1.18
CA ASN C 229 4.54 14.42 1.39
C ASN C 229 5.51 14.24 2.56
N LEU C 230 5.13 13.40 3.51
CA LEU C 230 5.98 13.02 4.63
C LEU C 230 7.20 12.26 4.14
N VAL C 231 6.98 11.46 3.09
CA VAL C 231 7.99 10.64 2.43
C VAL C 231 8.94 11.49 1.55
N VAL C 232 8.40 12.47 0.83
CA VAL C 232 9.21 13.41 0.01
C VAL C 232 10.28 14.10 0.87
N ALA C 233 9.81 14.65 1.99
CA ALA C 233 10.62 15.41 2.93
C ALA C 233 11.64 14.54 3.64
N ILE C 234 11.30 13.26 3.87
CA ILE C 234 12.29 12.32 4.45
C ILE C 234 13.48 12.19 3.50
N ILE C 235 13.19 11.80 2.26
CA ILE C 235 14.19 11.68 1.19
C ILE C 235 15.06 12.94 1.12
N VAL C 236 14.42 14.09 0.97
CA VAL C 236 15.14 15.35 0.74
C VAL C 236 16.02 15.66 1.97
N ASP C 237 15.44 15.54 3.15
CA ASP C 237 16.20 15.82 4.40
C ASP C 237 17.31 14.79 4.62
N MET D 19 39.78 -33.75 -28.08
CA MET D 19 38.36 -33.63 -27.68
C MET D 19 38.06 -32.19 -27.27
N TYR D 20 38.91 -31.65 -26.41
CA TYR D 20 38.68 -30.35 -25.73
C TYR D 20 38.24 -29.21 -26.63
N LEU D 21 39.07 -28.87 -27.60
CA LEU D 21 38.78 -27.73 -28.47
C LEU D 21 37.55 -27.87 -29.37
N ARG D 22 37.19 -29.09 -29.77
CA ARG D 22 35.97 -29.30 -30.59
C ARG D 22 34.66 -29.04 -29.84
N ILE D 23 34.56 -29.60 -28.62
CA ILE D 23 33.42 -29.37 -27.75
C ILE D 23 33.38 -27.88 -27.37
N THR D 24 34.51 -27.34 -26.92
CA THR D 24 34.65 -25.93 -26.47
C THR D 24 34.16 -24.98 -27.57
N ASN D 25 34.25 -25.45 -28.80
CA ASN D 25 33.88 -24.66 -29.96
C ASN D 25 32.38 -24.71 -30.22
N ILE D 26 31.74 -25.80 -29.79
CA ILE D 26 30.29 -25.92 -29.89
C ILE D 26 29.53 -25.12 -28.81
N VAL D 27 30.01 -25.15 -27.57
CA VAL D 27 29.35 -24.44 -26.47
C VAL D 27 29.29 -22.93 -26.64
N GLU D 28 30.40 -22.33 -27.02
CA GLU D 28 30.47 -20.87 -27.18
C GLU D 28 29.77 -20.36 -28.44
N SER D 29 29.24 -21.26 -29.27
CA SER D 29 28.67 -20.84 -30.54
C SER D 29 27.41 -20.04 -30.32
N SER D 30 27.08 -19.16 -31.26
CA SER D 30 25.83 -18.44 -31.21
C SER D 30 24.62 -19.35 -31.51
N PHE D 31 24.86 -20.46 -32.21
CA PHE D 31 23.78 -21.41 -32.49
C PHE D 31 23.39 -22.17 -31.23
N PHE D 32 24.39 -22.55 -30.44
CA PHE D 32 24.16 -23.34 -29.21
C PHE D 32 23.19 -22.61 -28.28
N THR D 33 23.62 -21.45 -27.80
CA THR D 33 22.84 -20.67 -26.85
C THR D 33 21.47 -20.31 -27.45
N LYS D 34 21.44 -20.01 -28.76
CA LYS D 34 20.19 -19.68 -29.44
C LYS D 34 19.28 -20.89 -29.46
N PHE D 35 19.87 -22.06 -29.68
CA PHE D 35 19.12 -23.30 -29.72
C PHE D 35 18.53 -23.53 -28.34
N ILE D 36 19.33 -23.35 -27.31
CA ILE D 36 18.87 -23.59 -25.95
C ILE D 36 17.77 -22.63 -25.53
N ILE D 37 18.02 -21.35 -25.76
CA ILE D 37 17.05 -20.34 -25.43
C ILE D 37 15.69 -20.56 -26.10
N TYR D 38 15.70 -20.78 -27.40
CA TYR D 38 14.49 -21.05 -28.18
C TYR D 38 13.74 -22.26 -27.57
N LEU D 39 14.48 -23.26 -27.14
CA LEU D 39 13.93 -24.44 -26.48
C LEU D 39 13.24 -24.07 -25.17
N ILE D 40 13.82 -23.11 -24.43
CA ILE D 40 13.27 -22.66 -23.15
C ILE D 40 11.87 -22.09 -23.35
N VAL D 41 11.74 -21.30 -24.40
CA VAL D 41 10.48 -20.64 -24.73
C VAL D 41 9.48 -21.70 -25.16
N LEU D 42 9.96 -22.71 -25.87
CA LEU D 42 9.07 -23.76 -26.27
C LEU D 42 8.63 -24.56 -25.08
N ASN D 43 9.57 -24.97 -24.25
CA ASN D 43 9.20 -25.73 -23.07
C ASN D 43 8.24 -24.94 -22.20
N GLY D 44 8.32 -23.62 -22.28
CA GLY D 44 7.47 -22.75 -21.49
C GLY D 44 6.06 -22.71 -22.05
N ILE D 45 5.93 -22.62 -23.37
CA ILE D 45 4.60 -22.68 -23.99
C ILE D 45 3.99 -24.05 -23.70
N THR D 46 4.85 -25.05 -23.75
CA THR D 46 4.43 -26.42 -23.58
C THR D 46 3.98 -26.68 -22.14
N MET D 47 4.59 -25.99 -21.19
CA MET D 47 4.28 -26.19 -19.77
C MET D 47 2.95 -25.57 -19.35
N GLY D 48 2.55 -24.56 -20.10
CA GLY D 48 1.28 -23.91 -19.89
C GLY D 48 0.23 -24.86 -20.34
N LEU D 49 0.56 -25.69 -21.32
CA LEU D 49 -0.39 -26.68 -21.85
C LEU D 49 -0.63 -27.89 -20.96
N GLU D 50 0.36 -28.31 -20.17
CA GLU D 50 0.21 -29.44 -19.24
C GLU D 50 -0.68 -29.09 -18.03
N THR D 51 -1.29 -27.90 -18.08
CA THR D 51 -2.11 -27.36 -17.00
C THR D 51 -3.55 -27.68 -17.26
N SER D 52 -3.88 -27.83 -18.53
CA SER D 52 -5.23 -28.20 -18.93
C SER D 52 -5.29 -29.70 -19.17
N LYS D 53 -6.02 -30.37 -18.30
CA LYS D 53 -6.20 -31.81 -18.39
C LYS D 53 -7.10 -32.19 -19.58
N THR D 54 -7.76 -31.20 -20.19
CA THR D 54 -8.34 -31.41 -21.52
C THR D 54 -7.25 -31.82 -22.52
N PHE D 55 -6.23 -30.96 -22.64
CA PHE D 55 -5.02 -31.22 -23.46
C PHE D 55 -4.32 -32.55 -23.10
N MET D 56 -4.28 -32.88 -21.79
CA MET D 56 -3.52 -34.02 -21.27
C MET D 56 -4.10 -35.37 -21.69
N GLN D 57 -5.40 -35.42 -21.92
CA GLN D 57 -6.04 -36.66 -22.34
C GLN D 57 -5.93 -36.87 -23.83
N SER D 58 -5.52 -35.83 -24.55
CA SER D 58 -5.45 -35.90 -26.00
C SER D 58 -4.06 -35.78 -26.58
N PHE D 59 -3.10 -35.29 -25.78
CA PHE D 59 -1.72 -35.07 -26.25
C PHE D 59 -0.64 -35.24 -25.19
N GLY D 60 -1.06 -35.62 -23.98
CA GLY D 60 -0.12 -35.68 -22.86
C GLY D 60 1.12 -36.53 -23.05
N VAL D 61 1.02 -37.56 -23.86
CA VAL D 61 2.15 -38.42 -24.05
C VAL D 61 3.20 -37.75 -24.90
N TYR D 62 2.75 -36.96 -25.86
CA TYR D 62 3.64 -36.15 -26.70
C TYR D 62 4.50 -35.13 -25.93
N THR D 63 3.94 -34.51 -24.91
CA THR D 63 4.60 -33.41 -24.25
C THR D 63 5.33 -33.87 -22.98
N THR D 64 4.96 -35.05 -22.48
CA THR D 64 5.64 -35.58 -21.31
C THR D 64 7.05 -36.04 -21.71
N LEU D 65 7.22 -36.34 -22.99
CA LEU D 65 8.51 -36.76 -23.52
C LEU D 65 9.22 -35.61 -24.21
N PHE D 66 8.46 -34.63 -24.71
CA PHE D 66 9.06 -33.38 -25.17
C PHE D 66 9.83 -32.80 -24.00
N ASN D 67 9.21 -32.89 -22.82
CA ASN D 67 9.90 -32.59 -21.58
C ASN D 67 11.20 -33.37 -21.51
N GLN D 68 11.07 -34.70 -21.63
CA GLN D 68 12.18 -35.62 -21.42
C GLN D 68 13.38 -35.34 -22.32
N ILE D 69 13.14 -34.93 -23.56
CA ILE D 69 14.24 -34.69 -24.43
C ILE D 69 14.85 -33.33 -24.18
N VAL D 70 14.06 -32.40 -23.65
CA VAL D 70 14.60 -31.10 -23.32
C VAL D 70 15.59 -31.19 -22.17
N ILE D 71 15.24 -31.98 -21.18
CA ILE D 71 16.08 -32.13 -20.00
C ILE D 71 17.32 -32.94 -20.30
N THR D 72 17.26 -33.76 -21.34
CA THR D 72 18.44 -34.48 -21.77
C THR D 72 19.45 -33.48 -22.33
N ILE D 73 18.98 -32.65 -23.26
CA ILE D 73 19.78 -31.60 -23.88
C ILE D 73 20.37 -30.66 -22.84
N PHE D 74 19.58 -30.32 -21.83
CA PHE D 74 20.08 -29.45 -20.79
C PHE D 74 21.15 -30.14 -19.97
N THR D 75 21.01 -31.44 -19.78
CA THR D 75 21.99 -32.22 -19.01
C THR D 75 23.30 -32.27 -19.73
N ILE D 76 23.21 -32.49 -21.04
CA ILE D 76 24.38 -32.53 -21.89
C ILE D 76 25.09 -31.19 -21.91
N GLU D 77 24.35 -30.14 -22.23
CA GLU D 77 24.84 -28.76 -22.22
C GLU D 77 25.57 -28.40 -20.93
N ILE D 78 25.02 -28.80 -19.79
CA ILE D 78 25.60 -28.51 -18.47
C ILE D 78 26.97 -29.20 -18.36
N ILE D 79 27.04 -30.45 -18.82
CA ILE D 79 28.25 -31.25 -18.75
C ILE D 79 29.35 -30.60 -19.59
N LEU D 80 29.01 -30.26 -20.82
CA LEU D 80 29.91 -29.57 -21.76
C LEU D 80 30.48 -28.26 -21.19
N ARG D 81 29.59 -27.42 -20.68
CA ARG D 81 29.99 -26.13 -20.12
C ARG D 81 30.97 -26.32 -18.95
N ILE D 82 30.83 -27.42 -18.22
CA ILE D 82 31.75 -27.75 -17.13
C ILE D 82 33.13 -28.11 -17.66
N TYR D 83 33.19 -28.87 -18.74
CA TYR D 83 34.46 -29.20 -19.36
C TYR D 83 35.16 -27.96 -19.90
N VAL D 84 34.39 -27.15 -20.62
CA VAL D 84 34.87 -25.88 -21.16
C VAL D 84 35.32 -24.89 -20.08
N HIS D 85 34.59 -24.83 -18.97
CA HIS D 85 34.87 -23.84 -17.93
C HIS D 85 35.54 -24.40 -16.70
N ARG D 86 35.57 -25.72 -16.56
CA ARG D 86 36.24 -26.38 -15.43
C ARG D 86 35.77 -25.77 -14.11
N ILE D 87 36.70 -25.52 -13.19
CA ILE D 87 36.34 -25.06 -11.86
C ILE D 87 35.66 -23.68 -11.90
N SER D 88 35.80 -22.96 -13.00
CA SER D 88 35.23 -21.62 -13.12
C SER D 88 33.72 -21.69 -13.36
N PHE D 89 33.22 -22.90 -13.63
CA PHE D 89 31.78 -23.12 -13.80
C PHE D 89 31.07 -22.90 -12.47
N PHE D 90 31.61 -23.51 -11.43
CA PHE D 90 31.05 -23.46 -10.09
C PHE D 90 31.47 -22.21 -9.31
N LYS D 91 32.07 -21.24 -9.99
CA LYS D 91 32.29 -19.90 -9.41
C LYS D 91 31.34 -18.95 -10.13
N ASP D 92 30.53 -19.51 -11.03
CA ASP D 92 29.59 -18.68 -11.77
C ASP D 92 28.20 -18.85 -11.14
N PRO D 93 27.65 -17.78 -10.55
CA PRO D 93 26.34 -17.93 -9.90
C PRO D 93 25.25 -18.42 -10.89
N TRP D 94 25.25 -17.92 -12.12
CA TRP D 94 24.24 -18.22 -13.13
C TRP D 94 24.38 -19.65 -13.62
N SER D 95 25.60 -20.16 -13.58
CA SER D 95 25.86 -21.49 -14.06
C SER D 95 25.51 -22.42 -12.94
N LEU D 96 25.93 -22.04 -11.75
CA LEU D 96 25.56 -22.69 -10.52
C LEU D 96 24.04 -22.86 -10.47
N PHE D 97 23.33 -21.80 -10.81
CA PHE D 97 21.87 -21.83 -10.83
C PHE D 97 21.32 -22.87 -11.79
N ASP D 98 21.78 -22.80 -13.04
CA ASP D 98 21.39 -23.75 -14.07
C ASP D 98 21.64 -25.19 -13.64
N PHE D 99 22.78 -25.42 -12.98
CA PHE D 99 23.08 -26.73 -12.47
C PHE D 99 21.94 -27.15 -11.57
N PHE D 100 21.66 -26.36 -10.53
CA PHE D 100 20.67 -26.76 -9.54
C PHE D 100 19.29 -26.78 -10.20
N VAL D 101 19.02 -25.80 -11.04
CA VAL D 101 17.72 -25.72 -11.69
C VAL D 101 17.49 -26.84 -12.69
N VAL D 102 18.55 -27.52 -13.11
CA VAL D 102 18.31 -28.62 -14.02
C VAL D 102 18.24 -29.94 -13.25
N ALA D 103 19.22 -30.18 -12.37
CA ALA D 103 19.30 -31.41 -11.58
C ALA D 103 17.98 -31.73 -10.89
N ILE D 104 17.35 -30.72 -10.28
CA ILE D 104 16.03 -30.86 -9.67
C ILE D 104 15.03 -31.51 -10.65
N SER D 105 14.97 -30.97 -11.87
CA SER D 105 14.10 -31.48 -12.94
C SER D 105 14.49 -32.89 -13.38
N LEU D 106 15.55 -33.42 -12.79
CA LEU D 106 16.01 -34.77 -13.07
C LEU D 106 15.49 -35.78 -12.06
N VAL D 107 15.00 -35.29 -10.92
CA VAL D 107 14.40 -36.16 -9.93
C VAL D 107 13.08 -36.81 -10.40
N PRO D 108 12.96 -38.10 -10.13
CA PRO D 108 11.88 -38.91 -10.66
C PRO D 108 10.49 -38.45 -10.23
N THR D 109 9.59 -38.47 -11.20
CA THR D 109 8.18 -38.17 -11.02
C THR D 109 7.56 -39.26 -10.12
N SER D 110 8.32 -40.32 -9.88
CA SER D 110 7.82 -41.49 -9.22
C SER D 110 7.30 -41.14 -7.85
N SER D 111 6.29 -41.91 -7.46
CA SER D 111 5.23 -41.50 -6.56
C SER D 111 5.66 -41.13 -5.15
N GLY D 112 6.85 -41.55 -4.74
CA GLY D 112 7.19 -41.47 -3.34
C GLY D 112 7.07 -40.06 -2.81
N PHE D 113 7.50 -39.08 -3.61
CA PHE D 113 7.53 -37.67 -3.19
C PHE D 113 7.21 -36.73 -4.37
N GLU D 114 5.96 -36.26 -4.44
CA GLU D 114 5.46 -35.56 -5.61
C GLU D 114 5.47 -34.02 -5.52
N ILE D 115 6.09 -33.46 -4.49
CA ILE D 115 6.28 -32.00 -4.49
C ILE D 115 7.36 -31.63 -5.52
N LEU D 116 8.37 -32.49 -5.66
CA LEU D 116 9.52 -32.30 -6.56
C LEU D 116 9.08 -32.19 -8.01
N ARG D 117 7.93 -32.79 -8.30
CA ARG D 117 7.32 -32.74 -9.61
C ARG D 117 6.94 -31.34 -10.06
N VAL D 118 6.50 -30.53 -9.10
CA VAL D 118 6.07 -29.17 -9.33
C VAL D 118 7.25 -28.20 -9.46
N LEU D 119 8.32 -28.45 -8.71
CA LEU D 119 9.56 -27.66 -8.79
C LEU D 119 10.22 -27.67 -10.16
N ARG D 120 9.83 -28.62 -11.00
CA ARG D 120 10.34 -28.68 -12.38
C ARG D 120 10.07 -27.45 -13.24
N VAL D 121 9.02 -26.70 -12.93
CA VAL D 121 8.62 -25.57 -13.76
C VAL D 121 9.66 -24.44 -13.60
N LEU D 122 10.44 -24.53 -12.51
CA LEU D 122 11.51 -23.54 -12.23
C LEU D 122 12.55 -23.46 -13.32
N ARG D 123 12.59 -24.50 -14.15
CA ARG D 123 13.53 -24.55 -15.24
C ARG D 123 13.27 -23.42 -16.19
N LEU D 124 12.08 -22.82 -16.10
CA LEU D 124 11.76 -21.66 -16.94
C LEU D 124 12.54 -20.47 -16.50
N PHE D 125 13.19 -20.54 -15.34
CA PHE D 125 14.05 -19.46 -14.92
C PHE D 125 15.35 -19.42 -15.69
N ARG D 126 15.61 -20.45 -16.49
CA ARG D 126 16.81 -20.48 -17.35
C ARG D 126 16.72 -19.39 -18.42
N LEU D 127 15.49 -18.94 -18.70
CA LEU D 127 15.32 -17.79 -19.56
C LEU D 127 16.08 -16.60 -19.02
N VAL D 128 16.09 -16.49 -17.70
CA VAL D 128 16.83 -15.42 -17.02
C VAL D 128 18.33 -15.62 -17.20
N THR D 129 18.77 -16.84 -16.97
CA THR D 129 20.17 -17.16 -17.01
C THR D 129 20.76 -16.88 -18.37
N ALA D 130 19.99 -17.20 -19.41
CA ALA D 130 20.52 -17.26 -20.77
C ALA D 130 20.30 -15.96 -21.54
N VAL D 131 19.67 -14.99 -20.93
CA VAL D 131 19.48 -13.70 -21.58
C VAL D 131 20.15 -12.58 -20.78
N PRO D 132 21.06 -11.80 -21.40
CA PRO D 132 21.91 -10.85 -20.65
C PRO D 132 21.21 -9.59 -20.11
N GLN D 133 20.10 -9.19 -20.74
CA GLN D 133 19.29 -8.06 -20.26
C GLN D 133 18.58 -8.38 -18.92
N MET D 134 18.07 -9.61 -18.78
CA MET D 134 17.44 -10.12 -17.51
C MET D 134 18.42 -10.29 -16.34
N ARG D 135 19.57 -10.91 -16.62
CA ARG D 135 20.67 -11.09 -15.65
C ARG D 135 21.07 -9.73 -15.08
N LYS D 136 21.02 -8.68 -15.89
CA LYS D 136 21.39 -7.34 -15.44
C LYS D 136 20.43 -6.96 -14.34
N ILE D 137 19.13 -7.03 -14.68
CA ILE D 137 18.06 -6.80 -13.71
C ILE D 137 18.21 -7.60 -12.43
N VAL D 138 18.36 -8.92 -12.55
CA VAL D 138 18.43 -9.77 -11.37
C VAL D 138 19.59 -9.37 -10.45
N SER D 139 20.78 -9.32 -11.05
CA SER D 139 22.04 -8.91 -10.39
C SER D 139 21.88 -7.56 -9.73
N ALA D 140 21.27 -6.63 -10.47
CA ALA D 140 20.94 -5.33 -9.97
C ALA D 140 20.10 -5.45 -8.70
N LEU D 141 19.02 -6.22 -8.79
CA LEU D 141 18.15 -6.47 -7.65
C LEU D 141 18.87 -7.05 -6.42
N ILE D 142 19.57 -8.17 -6.59
CA ILE D 142 20.32 -8.80 -5.49
C ILE D 142 21.30 -7.80 -4.86
N SER D 143 21.77 -6.86 -5.67
CA SER D 143 22.83 -5.94 -5.28
C SER D 143 22.43 -5.04 -4.12
N VAL D 144 21.12 -4.82 -3.99
CA VAL D 144 20.56 -3.94 -2.95
C VAL D 144 20.48 -4.71 -1.63
N ILE D 145 20.65 -6.03 -1.70
CA ILE D 145 20.43 -6.86 -0.53
C ILE D 145 21.50 -6.80 0.56
N PRO D 146 22.80 -6.99 0.21
CA PRO D 146 23.79 -6.97 1.28
C PRO D 146 23.71 -5.75 2.20
N GLY D 147 23.43 -4.58 1.64
CA GLY D 147 23.25 -3.38 2.45
C GLY D 147 22.02 -3.38 3.35
N MET D 148 21.09 -4.28 3.08
CA MET D 148 19.86 -4.39 3.85
C MET D 148 19.90 -5.43 4.98
N LEU D 149 20.83 -6.39 4.86
CA LEU D 149 20.90 -7.56 5.77
C LEU D 149 20.80 -7.21 7.25
N SER D 150 21.38 -6.07 7.63
CA SER D 150 21.30 -5.65 9.02
C SER D 150 19.85 -5.39 9.39
N VAL D 151 19.09 -4.76 8.51
CA VAL D 151 17.69 -4.46 8.80
C VAL D 151 16.84 -5.72 8.81
N ILE D 152 17.06 -6.64 7.87
CA ILE D 152 16.48 -7.99 7.93
C ILE D 152 16.65 -8.63 9.31
N ALA D 153 17.87 -8.64 9.83
CA ALA D 153 18.12 -9.22 11.13
C ALA D 153 17.29 -8.52 12.19
N LEU D 154 17.37 -7.20 12.21
CA LEU D 154 16.64 -6.40 13.18
C LEU D 154 15.17 -6.66 13.11
N MET D 155 14.64 -6.75 11.91
CA MET D 155 13.23 -6.96 11.75
C MET D 155 12.83 -8.30 12.32
N THR D 156 13.62 -9.32 11.98
CA THR D 156 13.38 -10.71 12.43
C THR D 156 13.52 -10.85 13.96
N LEU D 157 14.47 -10.12 14.55
CA LEU D 157 14.57 -10.12 15.99
C LEU D 157 13.33 -9.47 16.55
N PHE D 158 12.86 -8.40 15.91
CA PHE D 158 11.63 -7.73 16.34
C PHE D 158 10.44 -8.63 16.18
N PHE D 159 10.38 -9.26 15.03
CA PHE D 159 9.31 -10.16 14.76
C PHE D 159 9.25 -11.31 15.77
N TYR D 160 10.43 -11.82 16.11
CA TYR D 160 10.53 -13.01 16.95
C TYR D 160 10.07 -12.73 18.38
N ILE D 161 10.42 -11.57 18.87
CA ILE D 161 10.03 -11.18 20.21
C ILE D 161 8.51 -11.07 20.23
N PHE D 162 7.95 -10.46 19.20
CA PHE D 162 6.50 -10.25 19.17
C PHE D 162 5.67 -11.55 18.93
N ALA D 163 6.18 -12.51 18.17
CA ALA D 163 5.45 -13.76 17.98
C ALA D 163 5.45 -14.47 19.33
N ILE D 164 6.53 -14.29 20.08
CA ILE D 164 6.57 -14.90 21.39
C ILE D 164 5.51 -14.22 22.22
N MET D 165 5.51 -12.90 22.22
CA MET D 165 4.55 -12.18 23.01
C MET D 165 3.15 -12.59 22.58
N ALA D 166 2.90 -12.70 21.30
CA ALA D 166 1.56 -13.02 20.89
C ALA D 166 1.07 -14.42 21.30
N THR D 167 1.91 -15.42 21.17
CA THR D 167 1.47 -16.77 21.54
C THR D 167 1.09 -16.88 23.02
N GLN D 168 1.81 -16.18 23.86
CA GLN D 168 1.53 -16.24 25.28
C GLN D 168 0.38 -15.28 25.59
N LEU D 169 0.16 -14.25 24.79
CA LEU D 169 -0.94 -13.36 25.14
C LEU D 169 -2.30 -13.84 24.55
N PHE D 170 -2.27 -14.39 23.34
CA PHE D 170 -3.54 -14.54 22.62
C PHE D 170 -3.78 -15.98 22.18
N GLY D 171 -2.76 -16.78 22.33
CA GLY D 171 -2.79 -18.11 21.82
C GLY D 171 -3.73 -19.02 22.52
N GLU D 172 -4.13 -18.65 23.73
CA GLU D 172 -5.00 -19.53 24.53
C GLU D 172 -6.43 -19.56 24.00
N ARG D 173 -6.97 -18.35 23.78
CA ARG D 173 -8.35 -18.13 23.37
C ARG D 173 -8.49 -18.03 21.85
N PHE D 174 -7.38 -17.77 21.18
CA PHE D 174 -7.38 -17.69 19.73
C PHE D 174 -6.31 -18.56 19.13
N PRO D 175 -6.41 -19.87 19.29
CA PRO D 175 -5.41 -20.81 18.81
C PRO D 175 -5.05 -20.71 17.35
N GLU D 176 -6.03 -20.49 16.48
CA GLU D 176 -5.70 -20.44 15.04
C GLU D 176 -4.64 -19.38 14.70
N TRP D 177 -4.76 -18.23 15.32
CA TRP D 177 -3.96 -17.05 14.99
C TRP D 177 -2.62 -16.91 15.78
N PHE D 178 -2.58 -17.48 16.96
CA PHE D 178 -1.51 -17.28 17.91
C PHE D 178 -1.19 -18.59 18.69
N GLY D 179 -1.72 -19.71 18.21
CA GLY D 179 -1.61 -20.98 18.93
C GLY D 179 -0.19 -21.37 19.14
N THR D 180 0.65 -20.94 18.23
CA THR D 180 2.00 -21.48 18.12
C THR D 180 2.90 -20.36 17.71
N LEU D 181 4.15 -20.42 18.11
CA LEU D 181 5.09 -19.41 17.68
C LEU D 181 5.02 -19.25 16.19
N GLY D 182 5.00 -20.34 15.45
CA GLY D 182 4.91 -20.24 14.00
C GLY D 182 3.65 -19.53 13.52
N GLU D 183 2.53 -19.80 14.20
CA GLU D 183 1.27 -19.16 13.87
C GLU D 183 1.34 -17.66 14.11
N SER D 184 1.79 -17.25 15.29
CA SER D 184 1.88 -15.82 15.55
C SER D 184 2.78 -15.07 14.57
N PHE D 185 3.79 -15.78 14.06
CA PHE D 185 4.70 -15.19 13.09
C PHE D 185 3.86 -14.87 11.86
N TYR D 186 3.13 -15.90 11.43
CA TYR D 186 2.25 -15.81 10.28
C TYR D 186 1.26 -14.70 10.39
N THR D 187 0.58 -14.66 11.52
CA THR D 187 -0.46 -13.64 11.68
C THR D 187 0.12 -12.23 11.61
N LEU D 188 1.28 -12.10 12.26
CA LEU D 188 2.07 -10.87 12.36
C LEU D 188 2.59 -10.41 10.98
N PHE D 189 2.97 -11.38 10.14
CA PHE D 189 3.36 -11.02 8.80
C PHE D 189 2.23 -10.36 8.02
N GLN D 190 1.04 -10.91 8.20
CA GLN D 190 -0.20 -10.43 7.59
C GLN D 190 -0.48 -8.96 7.96
N VAL D 191 -0.29 -8.69 9.24
CA VAL D 191 -0.61 -7.37 9.77
C VAL D 191 0.31 -6.29 9.24
N MET D 192 1.58 -6.63 9.11
CA MET D 192 2.56 -5.71 8.49
C MET D 192 2.11 -5.37 7.06
N THR D 193 1.72 -6.39 6.33
CA THR D 193 1.14 -6.23 5.02
C THR D 193 -0.23 -5.57 5.10
N LEU D 194 -0.74 -5.37 6.29
CA LEU D 194 -1.99 -4.69 6.44
C LEU D 194 -3.20 -5.38 5.82
N ASP D 195 -3.24 -6.69 5.94
CA ASP D 195 -4.31 -7.50 5.34
C ASP D 195 -5.44 -7.89 6.26
N ASP D 196 -6.58 -7.19 6.16
CA ASP D 196 -7.75 -7.54 6.95
C ASP D 196 -7.32 -7.56 8.38
N TRP D 197 -6.43 -6.66 8.73
CA TRP D 197 -5.85 -6.71 10.07
C TRP D 197 -6.85 -6.32 11.18
N SER D 198 -7.69 -5.31 10.99
CA SER D 198 -8.60 -4.81 12.09
C SER D 198 -9.95 -5.56 12.26
N ASN D 199 -10.83 -5.48 11.32
CA ASN D 199 -12.02 -6.27 11.42
C ASN D 199 -11.48 -7.67 11.40
N GLY D 200 -10.40 -8.00 10.72
CA GLY D 200 -10.17 -9.40 10.63
C GLY D 200 -9.44 -10.14 11.79
N ILE D 201 -8.64 -9.43 12.59
CA ILE D 201 -7.83 -9.95 13.71
C ILE D 201 -8.03 -9.20 15.07
N VAL D 202 -7.86 -7.92 15.11
CA VAL D 202 -7.74 -7.31 16.41
C VAL D 202 -9.09 -6.94 17.02
N ARG D 203 -10.10 -6.61 16.16
CA ARG D 203 -11.42 -6.43 16.66
C ARG D 203 -11.90 -7.74 17.36
N PRO D 204 -11.72 -8.91 16.72
CA PRO D 204 -11.99 -10.09 17.50
C PRO D 204 -11.15 -10.20 18.71
N LEU D 205 -9.85 -9.89 18.60
CA LEU D 205 -9.01 -9.92 19.79
C LEU D 205 -9.56 -8.94 20.82
N MET D 206 -10.02 -7.77 20.40
CA MET D 206 -10.39 -6.83 21.43
C MET D 206 -11.65 -7.18 22.25
N GLU D 207 -12.50 -8.08 21.75
CA GLU D 207 -13.71 -8.55 22.47
C GLU D 207 -13.37 -9.40 23.70
N VAL D 208 -12.29 -10.15 23.65
CA VAL D 208 -11.75 -10.82 24.82
C VAL D 208 -10.69 -9.99 25.53
N TYR D 209 -9.85 -9.32 24.76
CA TYR D 209 -8.73 -8.56 25.28
C TYR D 209 -8.80 -7.11 24.75
N PRO D 210 -9.48 -6.24 25.48
CA PRO D 210 -9.69 -4.89 25.00
C PRO D 210 -8.42 -4.10 24.73
N TYR D 211 -7.30 -4.53 25.29
CA TYR D 211 -6.03 -3.81 25.13
C TYR D 211 -5.09 -4.32 24.04
N ALA D 212 -5.58 -5.23 23.23
CA ALA D 212 -4.77 -5.74 22.14
C ALA D 212 -4.24 -4.58 21.25
N TYR D 213 -4.97 -3.47 21.13
CA TYR D 213 -4.47 -2.35 20.28
C TYR D 213 -3.12 -1.81 20.77
N VAL D 214 -2.80 -1.96 22.06
CA VAL D 214 -1.51 -1.53 22.58
C VAL D 214 -0.35 -2.41 22.08
N PHE D 215 -0.64 -3.63 21.61
CA PHE D 215 0.33 -4.53 20.93
C PHE D 215 0.37 -4.21 19.45
N PHE D 216 -0.77 -4.25 18.79
CA PHE D 216 -0.79 -4.18 17.34
C PHE D 216 -0.66 -2.75 16.75
N ILE D 217 -1.09 -1.75 17.48
CA ILE D 217 -0.97 -0.42 16.92
C ILE D 217 0.49 0.05 16.97
N PRO D 218 1.19 -0.11 18.13
CA PRO D 218 2.61 0.18 18.03
C PRO D 218 3.32 -0.67 16.97
N PHE D 219 3.04 -1.97 16.98
CA PHE D 219 3.59 -2.90 16.03
C PHE D 219 3.45 -2.35 14.62
N ILE D 220 2.32 -1.71 14.33
CA ILE D 220 2.09 -1.25 12.97
C ILE D 220 2.96 -0.03 12.64
N PHE D 221 3.12 0.87 13.61
CA PHE D 221 3.98 2.07 13.43
C PHE D 221 5.41 1.66 13.17
N VAL D 222 5.88 0.70 13.96
CA VAL D 222 7.22 0.22 13.84
C VAL D 222 7.46 -0.44 12.50
N VAL D 223 6.70 -1.49 12.15
CA VAL D 223 6.98 -2.28 10.95
C VAL D 223 6.95 -1.34 9.77
N THR D 224 6.14 -0.27 9.86
CA THR D 224 5.96 0.67 8.75
C THR D 224 7.08 1.64 8.73
N PHE D 225 7.47 2.08 9.91
CA PHE D 225 8.59 2.97 10.02
C PHE D 225 9.85 2.41 9.36
N VAL D 226 10.16 1.16 9.67
CA VAL D 226 11.32 0.48 9.18
C VAL D 226 11.26 0.28 7.67
N MET D 227 10.09 -0.12 7.20
CA MET D 227 9.88 -0.36 5.79
C MET D 227 10.19 0.91 5.00
N ILE D 228 9.50 2.00 5.30
CA ILE D 228 9.76 3.24 4.62
C ILE D 228 11.25 3.59 4.64
N ASN D 229 11.84 3.61 5.83
CA ASN D 229 13.24 3.97 5.99
C ASN D 229 14.19 3.03 5.22
N LEU D 230 13.83 1.75 5.15
CA LEU D 230 14.52 0.75 4.33
C LEU D 230 14.54 1.11 2.85
N VAL D 231 13.37 1.45 2.31
CA VAL D 231 13.27 1.95 0.95
C VAL D 231 14.12 3.22 0.77
N VAL D 232 14.02 4.20 1.68
CA VAL D 232 14.83 5.41 1.60
C VAL D 232 16.29 4.97 1.63
N ALA D 233 16.58 4.00 2.51
CA ALA D 233 17.94 3.50 2.61
C ALA D 233 18.31 2.92 1.26
N ILE D 234 17.35 2.24 0.60
CA ILE D 234 17.56 1.65 -0.73
C ILE D 234 17.89 2.77 -1.72
N ILE D 235 17.01 3.78 -1.81
CA ILE D 235 17.21 4.96 -2.68
C ILE D 235 18.59 5.57 -2.48
N VAL D 236 18.95 5.89 -1.24
CA VAL D 236 20.21 6.61 -1.02
C VAL D 236 21.40 5.70 -1.34
N ASP D 237 21.31 4.43 -0.94
CA ASP D 237 22.38 3.46 -1.20
C ASP D 237 22.47 3.10 -2.69
#